data_8JXD
#
_entry.id   8JXD
#
_cell.length_a   1.00
_cell.length_b   1.00
_cell.length_c   1.00
_cell.angle_alpha   90.00
_cell.angle_beta   90.00
_cell.angle_gamma   90.00
#
_symmetry.space_group_name_H-M   'P 1'
#
loop_
_entity.id
_entity.type
_entity.pdbx_description
1 polymer 'LDL receptor related protein 2'
2 branched 2-acetamido-2-deoxy-beta-D-glucopyranose-(1-4)-2-acetamido-2-deoxy-beta-D-glucopyranose
3 branched beta-D-mannopyranose-(1-3)-2-acetamido-2-deoxy-beta-D-glucopyranose-(1-4)-2-acetamido-2-deoxy-beta-D-glucopyranose
4 non-polymer 2-acetamido-2-deoxy-beta-D-glucopyranose
5 non-polymer 'CALCIUM ION'
6 non-polymer 2-acetamido-2-deoxy-alpha-D-galactopyranose
#
_entity_poly.entity_id   1
_entity_poly.type   'polypeptide(L)'
_entity_poly.pdbx_seq_one_letter_code
;MERGAAAAAWMLLLAIAACLEPVSSQECGSGNFRCDNGYCIPASWRCDGTRDCLDDTDEIGCPPRSCESGLFLCPAEGTC
IPSSWVCDEDKDCSDGADEQQNCAGTTCSAQQMTCSNGQCIPSEYRCDHVSDCPDGSDERNCHYPTCDQLTCANGACYNT
SQRCDQKVDCRDSSDEANCTTLCSQKEFECGSGECILRAYVCDHDNDCEDNSDERNCNYDTCGGHQFTCSNGQCINQNWV
CDGDDDCQDSGDEDGCESNQSHHRCYPREWACPGSGRCISIDKVCDGVPDCPEGDDENNVTSGRTCGMGVCSVLNCEYQC
HQTPFGGECFCPPGHIINSNDSRTCIDFDDCQIWGICDQKCENRQGRHQCLCEEGYILERGQHCKSSDSFSAASVIFSNG
RDLLVGDLHGRNFRILAESKNRGMVMGVDFHYQKHRVFWTDPMQEKVFSTDINGLNTQEILNVSVDTPENLAVDWINNKL
YLVETKVNRIDVVNLEGNQRVTLITENLGHPRGIALDPTVGYLFFSDWGSLSGQPKVERAFMDGSNRKDLVTTKVGWPAG
ITLDLVSKRVYWVDSRYDYIETVTYDGIQRKTVARGGSLVPHPFGISLFEEHVFFTDWTKMAVMKASKFTETNPQVYHQS
SLRPHGVTVYHALRQPNATNPCGSNNGGCAQVCVLSHRTDNGGLGYRCKCEFGFELDDDEHRCVAVKNFLLFSSKTAVRG
IPFTLSTQEDVMVPVTGSPSFFVGIDFDAQHSTVFYSDLSKDIIYKQKIDGTGKEVITANRLESVECLTFDWISRNLYWT
DGGLKSVTVLRLADKSRRQIISNLNNPRSIVVHPTAGYMFLSDWFRPAKIMRAWSDGSHLMPIVNTSLGWPNGLAIDWSA
SRLYWVDAFFDKIEHSTLDGLDRKRLGHVDQMTHPFGLTVFKDNVFITDWRLGAIIRVRKSDGGDMTVIRRGISSVMHVK
AYDADLQTGSNYCSQTTHANGDCSHFCFPVPNFQRVCGCPYGMKLQRDQMTCEGDPAREPPTQQCGSLSFPCNNGKCVPS
FFRCDGVDDCHDNSDEHQCGVFNNTCSPSAFACVRGGQCIPGQWHCDRQNDCLDGSDEQNCPTHATSSTCPSTSFTCDNH
VCIPKDWVCDTDNDCSDGSDEKNCQASGTCQPTQFRCPDHRCISPLYVCDGDKDCADGSDEAGCVLNCTSAQFKCADGSS
CINSRYRCDGVYDCRDNSDEAGCPTRPPGMCHLDEFQCQGDGTCIPNTWECDGHPDCIHGSDEHTGCVPKTCSPTHFLCD
NGNCIYKAWICDGDNDCRDMSDEKDCPTQPFHCPSTQWQCPGYSTCINLSALCDGVFDCPNGTDESPLCNQDSCSHFNGG
CTHQCMQGPFGATCLCPLGYQLANDTKTCEDINECDIPGFCSQHCVNMRGSFRCACDPEYTLESDGRTCKVTGSENPLLV
VASRDKIIVDNITAHTHNLYSLVQDVSFVVALDFDSVTGRVFWSDLLQGKTWSVFQNGTDKRVVHDSGLSVTEMIAVDWI
GRNLYWTDYALETIEVSKIDGSHRTVLISKNVTKPRGLALDPRMGDNVMFWSDWGHHPRIERASMDGTMRTVIVQEKIYW
PCGLSIDYPNRLIYFMDAYLDYIEFCDYDGHNRRQVIASDLVLHHPHALTLFEDFVYWTDRGTRQVMQANKWHGGNQSVV
MYSVHQPLGITAIHPSRQPPSRNPCASASCSHLCLLSAQAPRHYSCACPSGWNLSDDSVNCVRGDQPFLMSVRDNIIFGI
SLDPEVKSNDAMVPISGIQHGYDVEFDDSEQFIYWVENPGEIHRVKTDGSNRTVFAPLSLLGSSLGLALDWVSRNIYYTT
PASRSIEVLTLKGDTRYGKTLIANDGTPLGVGFPVGIAVDPARGKLYWSDHGTDSGVPAKIASANMDGTSLKILFTGNLQ
HLEVVTLDIQEQKLYWAVTSRGVIERGNVDGTERMILVHHLAHPWGLVVYGSFLYYSDEQYEVIERVDKSSGNNKVVLRD
NVPYLRGLRVYHRRNAADSSNGCSNNPNACQQICLPVPGGMFSCACASGFKLSPDGRSCSPYNSFMVVSMLPAVRGFSLE
LSDHSEAMVPVAGQGRNVLHADVDVANGFIYWCDFSSSVRSSNGIRRIKPDGSNFTNVVTYGIGANGIRGVALDWAAGNL
YFTNAFVYETLIEVLRINTTYRRVLLKVSVDMPRHIIVDPKHRYLFWADYGQKPKIERSFLDCTNRTVLVSEGIVTPRGL
AMDHDTGYIYWVDDSLDLIARIHLDGGESQVVRYGSRYPTPYGITVFGESIIWVDRNLKKVFQASKQPGNTDPPVVIRDK
INLLRDVTIFDEHAQPLSPAELNNNPCLQSNGGCSHFCFALPELPTPRCGCAFGTLGNDGKSCATSQEDFLIYSLNNSLR
SLHFDPRDHSLPFQVISVAGTAIALDYDRRNNRIFFTQKLNSLRGQISYVSLYSGSSSPTVLLSNIGVTDGIAFDWINRR
IYYSDFSNQTINSMAEDGSNRAVIARVSKPRAIVLDPCRGYMYWTDWGTNAKIERATLGGNFRVPIVNTSLVWPNGLALD
LETDLLYWADASLQKIERSTLTGTNREVVVSTAFHSFGLTVYGQYIYWTDLYTRKIYRANKYDGSDLVAMTTRLPTQPSG
ISTVVKTQRQQCSNPCDQFNGGCSHICAPGPNGAECQCPHEGNWYLANDNKYCVVDTGTRCNQLQFTCLNGHCINQDWKC
DNDNDCGDGSDELPTVCAFHTCRSTAFTCGNGRCVPYHYRCDYYNDCGDNSDEAGCLFRNCNSTTEFTCSNGRCIPLSYV
CNGINNCHDNDTSDEKNCPPHTCPPDFTKCQTTNICVPRAFLCDGDNDCGDGSDENPIYCASHTCRSNEFQCLSPQRCIP
SYWFCDGEADCADGSDEPDTCGHSVNTCRASQFQCDNGRCISGNWVCDGDNDCGDMSDEDQRHHCELQNCSSTQFTCVNS
RPPNRRCIPQYWVCDGDADCSDALDELQNCTMRTCSAGEFSCANGRCVRQSFRCDRRNDCGDYSDERGCSYPPCHANQFT
CQNGRCIPRFFVCDEDNDCGDGSDEQEHLCHTPEPTCPLHQFRCDNGHCIEMGRVCNHVDDCSDNSDEKGCGINECLDSS
ISRCDHNCTDTITSFYCSCLPGYKLMSDKRSCVDIDECKESPQLCSQKCENVVGSYICKCAPGYIREPDGKSCRQNSNIE
PYLIFSNRYYIRNLTTDGSSYSLILQGLGNVVALDFDRVEKRLYWIDAEKQIIERMFLNKTNRETIINHRLRRAESLAVD
WVSRKLYWLDAILDCLFVSDLEGRHRKMIAQHCVDANNTFCFEHPRGIVLHPQRGHVYWADWGVHAYIGRIGMDGTNKSV
IISTKIEWPNAITIDYTNDLLYWADAHLGYIEFSDLEGHHRHTVYDGSLPHPFALTIFEDTVFWTDWNTRTVEKGNKYDG
SGRVVLVNTTHKPFDIHVYHPYRQPIMSNPCGTNNGGCSHLCLIKAGGRGFTCACPDDFQTVQLRDRTLCMPMCSSTQFL
CGNNEKCIPIWWKCDGQKDCSDGSDEPDLCPHRFCRLGQFQCRDGNCTSPQALCNARQDCADGSDEDRVLCEHHRCESNE
WQCANKRCIPQSWQCDSVNDCLDNSDEDTSHCASRTCRPGQFKCNNGRCIPQSWKCDVDNDCGDYSDEPIDECTTAAYNC
DNHTEFSCKTNYRCIPQWAVCNGFDDCRDNSDEQGCESVPCHPSGDFRCANHHCIPLRWKCDGTDDCGDNSDEENCVPRE
CSESEFRCADQQCIPSRWVCDQENDCGDNSDERDCEMKTCHPEHFQCTSGHCVPKALACDGRADCLDASDESACPTRFPN
GTYCPAAMFECKNHVCIQSFWICDGENDCVDGSDEEIHLCFNIPCESPQRFRCDNSRCVYGHQLCNGVDDCGDGSDEKEE
HCRKPTHKPCTDTEYKCSNGNCISQHYVCDNVNDCGDLSDETGCNLGDNRTCAENICEQNCTQLSSGGFICSCRPGFKPS
TLDKNSCQDINECEEFGICPQSCRNSKGSYECFCVDGFKSMSTHYGERCAADGSPPLLLLPENVRIRKYNTSSEKFSEYL
EEEEHIQTIDYDWDPEHIGLSVVYYTVLAQGSQFGAIKRAYIPNFESGSNNPIREVDLGLKYLMQPDGLAVDWVGRHIYW
SDAKSQRIEVATLDGRYRKWLITTQLDQPAAIAVNPKLGLMFWTDQGKQPKIESAWMNGEHRSVLVSENLGWPNGLSIDY
LNDDRVYWSDSKEDVIEAIKYDGTDRRLIINEAMKPFSLDIFEDKLYWVAKEKGEVWRQNKFGKENKEKVLVVNPWLTQV
RIFHQLRYNQSVSNPCKQVCSHLCLLRPGGYSCACPQGSDFVTGSTVQCDAASELPVTMPPPCRCMHGGNCYFDENELPK
CKCSSGYSGEYCEVGLSRGIPPGTTMAVLLTFVIVIIVGALVLVGLFHYRKTGSLLPTLPKLPSLSSLAKPSENGNGVTF
RSGADVNMDIGVSPFGPETIIDRSMAMNEHFVMEVGKQPVIFENPMYAAKDNTSKVALAVQGPSTGAQVTVPENVENQNY
GRPIDPSEIVPEPKPASPGADEIQGKKWNIFKRKPKQTTNFENPIYAEMDSEVKDAVAVAPPPSPSLPAKASKRNLTPGY
TATEDTFKDTANLVKEDSDV
;
_entity_poly.pdbx_strand_id   A,B
#
loop_
_chem_comp.id
_chem_comp.type
_chem_comp.name
_chem_comp.formula
A2G D-saccharide, alpha linking 2-acetamido-2-deoxy-alpha-D-galactopyranose 'C8 H15 N O6'
BMA D-saccharide, beta linking beta-D-mannopyranose 'C6 H12 O6'
CA non-polymer 'CALCIUM ION' 'Ca 2'
NAG D-saccharide, beta linking 2-acetamido-2-deoxy-beta-D-glucopyranose 'C8 H15 N O6'
#
# COMPACT_ATOMS: atom_id res chain seq x y z
N ARG A 3923 36.11 10.47 -4.45
CA ARG A 3923 36.94 10.82 -3.31
C ARG A 3923 38.07 11.76 -3.72
N LYS A 3924 37.98 13.01 -3.27
CA LYS A 3924 38.98 14.01 -3.61
C LYS A 3924 39.04 15.11 -2.56
N PRO A 3925 40.15 15.24 -1.84
CA PRO A 3925 40.34 16.43 -1.01
C PRO A 3925 40.45 17.67 -1.89
N THR A 3926 41.39 17.64 -2.82
CA THR A 3926 41.51 18.63 -3.88
C THR A 3926 42.47 18.10 -4.95
N HIS A 3927 42.01 18.03 -6.20
CA HIS A 3927 42.86 17.59 -7.29
C HIS A 3927 42.70 18.53 -8.48
N LYS A 3928 43.80 18.77 -9.19
CA LYS A 3928 43.86 19.68 -10.33
C LYS A 3928 43.29 21.04 -9.97
N PRO A 3929 43.92 21.78 -9.05
CA PRO A 3929 43.38 23.09 -8.68
C PRO A 3929 43.47 24.09 -9.84
N CYS A 3930 42.53 25.03 -9.84
CA CYS A 3930 42.49 26.08 -10.85
C CYS A 3930 42.99 27.38 -10.24
N THR A 3931 43.99 27.99 -10.86
CA THR A 3931 44.59 29.21 -10.36
C THR A 3931 43.72 30.41 -10.76
N ASP A 3932 44.25 31.61 -10.60
CA ASP A 3932 43.50 32.82 -10.96
C ASP A 3932 43.19 32.86 -12.45
N THR A 3933 44.15 32.44 -13.29
CA THR A 3933 43.93 32.48 -14.74
C THR A 3933 42.89 31.48 -15.18
N GLU A 3934 42.78 30.34 -14.49
CA GLU A 3934 41.84 29.28 -14.87
C GLU A 3934 40.55 29.43 -14.08
N TYR A 3935 39.43 29.48 -14.81
CA TYR A 3935 38.11 29.57 -14.18
C TYR A 3935 37.75 28.19 -13.63
N LYS A 3936 37.34 28.15 -12.35
CA LYS A 3936 37.17 26.86 -11.68
C LYS A 3936 35.90 26.14 -12.12
N CYS A 3937 34.93 26.87 -12.68
CA CYS A 3937 33.64 26.30 -13.07
C CYS A 3937 32.88 25.68 -11.90
N SER A 3938 31.74 25.07 -12.20
CA SER A 3938 30.95 24.36 -11.20
C SER A 3938 31.27 22.87 -11.15
N ASN A 3939 32.11 22.37 -12.06
CA ASN A 3939 32.47 20.96 -12.10
C ASN A 3939 33.97 20.75 -12.24
N GLY A 3940 34.78 21.76 -11.91
CA GLY A 3940 36.21 21.66 -12.03
C GLY A 3940 36.76 21.81 -13.43
N ASN A 3941 35.97 22.37 -14.36
CA ASN A 3941 36.43 22.57 -15.73
C ASN A 3941 37.45 23.70 -15.74
N CYS A 3942 38.73 23.34 -15.68
CA CYS A 3942 39.82 24.31 -15.59
C CYS A 3942 40.06 24.96 -16.95
N ILE A 3943 39.19 25.92 -17.27
CA ILE A 3943 39.25 26.66 -18.52
C ILE A 3943 39.85 28.02 -18.27
N SER A 3944 40.55 28.55 -19.28
CA SER A 3944 41.20 29.85 -19.17
C SER A 3944 40.18 30.97 -19.03
N GLN A 3945 40.63 32.08 -18.43
CA GLN A 3945 39.72 33.19 -18.15
C GLN A 3945 39.21 33.86 -19.42
N HIS A 3946 40.02 33.87 -20.49
CA HIS A 3946 39.58 34.51 -21.73
C HIS A 3946 38.42 33.77 -22.36
N TYR A 3947 38.29 32.47 -22.08
CA TYR A 3947 37.17 31.67 -22.59
C TYR A 3947 35.88 31.91 -21.81
N VAL A 3948 35.95 32.57 -20.66
CA VAL A 3948 34.76 32.84 -19.87
C VAL A 3948 33.89 33.86 -20.58
N CYS A 3949 32.61 33.53 -20.74
CA CYS A 3949 31.64 34.42 -21.40
C CYS A 3949 32.10 34.81 -22.79
N ASP A 3950 32.56 33.83 -23.56
CA ASP A 3950 32.83 34.02 -24.98
C ASP A 3950 31.71 33.49 -25.86
N ASN A 3951 30.54 33.21 -25.27
CA ASN A 3951 29.35 32.67 -25.92
C ASN A 3951 29.53 31.26 -26.46
N VAL A 3952 30.61 30.58 -26.07
CA VAL A 3952 30.84 29.19 -26.41
C VAL A 3952 31.04 28.41 -25.12
N ASN A 3953 30.28 27.32 -24.96
CA ASN A 3953 30.30 26.56 -23.71
C ASN A 3953 31.51 25.62 -23.70
N ASP A 3954 32.44 25.88 -22.80
CA ASP A 3954 33.53 24.95 -22.52
C ASP A 3954 33.34 24.17 -21.24
N CYS A 3955 32.49 24.67 -20.33
CA CYS A 3955 32.24 24.01 -19.07
C CYS A 3955 31.36 22.77 -19.21
N GLY A 3956 30.67 22.62 -20.34
CA GLY A 3956 29.75 21.51 -20.54
C GLY A 3956 28.36 21.73 -20.02
N ASP A 3957 28.13 22.81 -19.27
CA ASP A 3957 26.81 23.14 -18.77
C ASP A 3957 26.54 24.65 -18.83
N LEU A 3958 27.28 25.38 -19.66
CA LEU A 3958 27.21 26.84 -19.76
C LEU A 3958 27.51 27.53 -18.44
N SER A 3959 28.18 26.82 -17.51
CA SER A 3959 28.55 27.43 -16.25
C SER A 3959 29.68 28.44 -16.41
N ASP A 3960 30.39 28.41 -17.53
CA ASP A 3960 31.40 29.42 -17.82
C ASP A 3960 30.81 30.65 -18.50
N GLU A 3961 29.52 30.63 -18.86
CA GLU A 3961 28.83 31.78 -19.41
C GLU A 3961 27.84 32.38 -18.42
N THR A 3962 28.01 32.11 -17.13
CA THR A 3962 27.05 32.54 -16.12
C THR A 3962 26.99 34.06 -16.05
N GLY A 3963 25.77 34.59 -16.01
CA GLY A 3963 25.56 36.03 -15.93
C GLY A 3963 25.83 36.72 -17.25
N CYS A 3964 27.12 36.76 -17.64
CA CYS A 3964 27.55 37.41 -18.89
C CYS A 3964 27.09 38.86 -18.97
N ASN A 3965 27.03 39.53 -17.82
CA ASN A 3965 26.85 40.97 -17.78
C ASN A 3965 28.24 41.61 -17.86
N LEU A 3966 28.53 42.27 -18.97
CA LEU A 3966 29.88 42.69 -19.27
C LEU A 3966 29.97 44.20 -19.46
N GLY A 3967 31.18 44.72 -19.32
CA GLY A 3967 31.48 46.12 -19.49
C GLY A 3967 32.72 46.52 -18.70
N ASP A 3968 33.62 47.27 -19.34
CA ASP A 3968 34.93 47.51 -18.74
C ASP A 3968 34.88 48.54 -17.61
N ASN A 3969 34.04 49.56 -17.73
CA ASN A 3969 33.96 50.60 -16.71
C ASN A 3969 33.32 50.11 -15.41
N ARG A 3970 32.71 48.94 -15.42
CA ARG A 3970 32.08 48.40 -14.22
C ARG A 3970 33.08 47.63 -13.37
N THR A 3971 32.88 47.67 -12.06
CA THR A 3971 33.75 47.00 -11.10
C THR A 3971 32.93 46.11 -10.18
N CYS A 3972 33.57 45.08 -9.65
CA CYS A 3972 32.92 44.17 -8.71
C CYS A 3972 32.54 44.85 -7.40
N ALA A 3973 33.24 45.92 -7.02
CA ALA A 3973 33.01 46.58 -5.75
C ALA A 3973 31.64 47.21 -5.63
N GLU A 3974 30.91 47.36 -6.74
CA GLU A 3974 29.58 47.95 -6.72
C GLU A 3974 28.55 47.08 -6.00
N ASN A 3975 28.90 45.82 -5.68
CA ASN A 3975 28.00 44.88 -5.02
C ASN A 3975 26.77 44.61 -5.88
N ILE A 3976 27.02 44.09 -7.07
CA ILE A 3976 25.96 43.78 -8.02
C ILE A 3976 25.45 42.36 -7.83
N CYS A 3977 26.36 41.39 -7.76
CA CYS A 3977 26.00 39.99 -7.61
C CYS A 3977 25.97 39.61 -6.12
N GLU A 3978 25.13 38.63 -5.81
CA GLU A 3978 24.96 38.21 -4.43
C GLU A 3978 26.17 37.44 -3.90
N GLN A 3979 26.80 36.62 -4.74
CA GLN A 3979 27.85 35.75 -4.26
C GLN A 3979 28.86 35.51 -5.38
N ASN A 3980 30.11 35.25 -4.96
CA ASN A 3980 31.22 34.93 -5.86
C ASN A 3980 31.35 35.95 -6.99
N CYS A 3981 31.48 37.22 -6.59
CA CYS A 3981 31.70 38.31 -7.54
C CYS A 3981 33.19 38.46 -7.78
N THR A 3982 33.63 38.23 -9.02
CA THR A 3982 35.02 38.35 -9.40
C THR A 3982 35.14 39.29 -10.59
N GLN A 3983 36.22 40.05 -10.62
CA GLN A 3983 36.48 41.00 -11.71
C GLN A 3983 37.26 40.26 -12.81
N LEU A 3984 36.62 40.09 -13.96
CA LEU A 3984 37.29 39.50 -15.10
C LEU A 3984 38.31 40.48 -15.68
N SER A 3985 39.33 39.93 -16.35
CA SER A 3985 40.36 40.77 -16.93
C SER A 3985 39.78 41.76 -17.93
N SER A 3986 38.77 41.33 -18.69
CA SER A 3986 38.05 42.22 -19.61
C SER A 3986 36.56 42.03 -19.38
N GLY A 3987 35.80 43.08 -19.69
CA GLY A 3987 34.37 43.07 -19.48
C GLY A 3987 33.91 43.38 -18.07
N GLY A 3988 34.82 43.70 -17.16
CA GLY A 3988 34.45 44.07 -15.82
C GLY A 3988 34.34 42.91 -14.86
N PHE A 3989 33.20 42.82 -14.16
CA PHE A 3989 33.00 41.78 -13.17
C PHE A 3989 32.18 40.63 -13.76
N ILE A 3990 32.60 39.41 -13.45
CA ILE A 3990 31.86 38.20 -13.81
C ILE A 3990 31.68 37.38 -12.54
N CYS A 3991 30.44 37.04 -12.22
CA CYS A 3991 30.12 36.39 -10.96
C CYS A 3991 29.50 35.02 -11.21
N SER A 3992 29.76 34.11 -10.28
CA SER A 3992 29.26 32.74 -10.36
C SER A 3992 28.46 32.47 -9.10
N CYS A 3993 28.01 31.22 -8.94
CA CYS A 3993 27.20 30.83 -7.80
C CYS A 3993 28.03 30.03 -6.80
N ARG A 3994 27.67 30.18 -5.53
CA ARG A 3994 28.28 29.37 -4.49
C ARG A 3994 27.95 27.90 -4.73
N PRO A 3995 28.87 26.99 -4.42
CA PRO A 3995 28.58 25.56 -4.60
C PRO A 3995 27.30 25.16 -3.87
N GLY A 3996 26.44 24.42 -4.57
CA GLY A 3996 25.12 24.10 -4.09
C GLY A 3996 24.03 25.04 -4.57
N PHE A 3997 24.34 25.95 -5.49
CA PHE A 3997 23.39 26.92 -6.00
C PHE A 3997 23.49 26.97 -7.52
N LYS A 3998 22.42 27.46 -8.14
CA LYS A 3998 22.34 27.49 -9.60
C LYS A 3998 21.91 28.88 -10.07
N PRO A 3999 22.23 29.23 -11.32
CA PRO A 3999 21.67 30.44 -11.91
C PRO A 3999 20.15 30.44 -11.85
N SER A 4000 19.59 31.61 -11.53
CA SER A 4000 18.15 31.72 -11.31
C SER A 4000 17.35 31.88 -12.58
N THR A 4001 18.01 32.10 -13.72
CA THR A 4001 17.38 32.31 -15.03
C THR A 4001 16.59 33.60 -15.06
N LEU A 4002 16.51 34.27 -13.92
CA LEU A 4002 15.97 35.62 -13.79
C LEU A 4002 16.86 36.36 -12.79
N ASP A 4003 17.10 37.64 -13.05
CA ASP A 4003 18.07 38.45 -12.30
C ASP A 4003 19.36 37.65 -12.08
N LYS A 4004 20.00 37.34 -13.20
CA LYS A 4004 21.04 36.32 -13.28
C LYS A 4004 22.16 36.51 -12.27
N ASN A 4005 22.32 37.71 -11.71
CA ASN A 4005 23.33 37.94 -10.70
C ASN A 4005 22.96 37.36 -9.34
N SER A 4006 21.90 36.55 -9.27
CA SER A 4006 21.45 35.92 -8.04
C SER A 4006 21.34 34.42 -8.24
N CYS A 4007 21.57 33.69 -7.16
CA CYS A 4007 21.52 32.23 -7.17
C CYS A 4007 20.64 31.74 -6.04
N GLN A 4008 19.89 30.68 -6.29
CA GLN A 4008 19.01 30.10 -5.28
C GLN A 4008 19.47 28.70 -4.90
N ASP A 4009 18.95 28.21 -3.78
CA ASP A 4009 19.35 26.92 -3.24
C ASP A 4009 18.68 25.78 -4.00
N ILE A 4010 19.44 24.73 -4.25
CA ILE A 4010 18.90 23.53 -4.89
C ILE A 4010 18.18 22.70 -3.83
N ASN A 4011 16.93 22.35 -4.09
CA ASN A 4011 16.17 21.50 -3.19
C ASN A 4011 16.53 20.05 -3.50
N GLU A 4012 17.62 19.58 -2.88
CA GLU A 4012 18.14 18.25 -3.17
C GLU A 4012 17.19 17.13 -2.76
N CYS A 4013 16.17 17.40 -1.95
CA CYS A 4013 15.24 16.37 -1.54
C CYS A 4013 14.38 15.86 -2.70
N GLU A 4014 14.31 16.61 -3.80
CA GLU A 4014 13.54 16.15 -4.95
C GLU A 4014 14.26 15.07 -5.75
N GLU A 4015 15.57 14.92 -5.57
CA GLU A 4015 16.30 13.88 -6.27
C GLU A 4015 15.94 12.51 -5.70
N PHE A 4016 15.80 11.54 -6.59
CA PHE A 4016 15.41 10.19 -6.19
C PHE A 4016 16.63 9.45 -5.63
N GLY A 4017 16.47 8.89 -4.44
CA GLY A 4017 17.53 8.11 -3.84
C GLY A 4017 18.68 8.91 -3.28
N ILE A 4018 18.47 10.18 -2.95
CA ILE A 4018 19.54 10.98 -2.38
C ILE A 4018 19.66 10.74 -0.88
N CYS A 4019 18.55 10.47 -0.19
CA CYS A 4019 18.54 10.14 1.22
C CYS A 4019 17.81 8.82 1.42
N PRO A 4020 18.19 8.04 2.44
CA PRO A 4020 17.55 6.73 2.61
C PRO A 4020 16.10 6.81 3.07
N GLN A 4021 15.79 7.67 4.04
CA GLN A 4021 14.46 7.66 4.63
C GLN A 4021 13.78 9.02 4.59
N SER A 4022 14.53 10.09 4.87
CA SER A 4022 13.94 11.42 4.89
C SER A 4022 15.01 12.45 4.54
N CYS A 4023 14.55 13.62 4.10
CA CYS A 4023 15.45 14.67 3.65
C CYS A 4023 14.91 16.02 4.10
N ARG A 4024 15.79 16.87 4.62
CA ARG A 4024 15.47 18.25 4.98
C ARG A 4024 16.39 19.16 4.18
N ASN A 4025 15.83 20.22 3.63
CA ASN A 4025 16.57 21.11 2.73
C ASN A 4025 17.24 22.24 3.50
N SER A 4026 18.42 22.63 3.02
CA SER A 4026 19.15 23.77 3.56
C SER A 4026 19.83 24.48 2.40
N LYS A 4027 20.44 25.63 2.70
CA LYS A 4027 21.11 26.43 1.68
C LYS A 4027 22.36 25.69 1.22
N GLY A 4028 22.26 24.99 0.08
CA GLY A 4028 23.38 24.22 -0.40
C GLY A 4028 23.73 23.02 0.46
N SER A 4029 22.78 22.52 1.25
CA SER A 4029 23.05 21.41 2.14
C SER A 4029 21.73 20.70 2.43
N TYR A 4030 21.85 19.50 3.01
CA TYR A 4030 20.70 18.70 3.37
C TYR A 4030 21.11 17.69 4.43
N GLU A 4031 20.11 17.09 5.07
CA GLU A 4031 20.34 16.09 6.09
C GLU A 4031 19.50 14.85 5.78
N CYS A 4032 20.12 13.68 5.91
CA CYS A 4032 19.42 12.41 5.71
C CYS A 4032 18.96 11.87 7.06
N PHE A 4033 18.08 12.64 7.69
CA PHE A 4033 17.39 12.21 8.90
C PHE A 4033 16.47 11.04 8.58
N CYS A 4034 16.22 10.20 9.59
CA CYS A 4034 15.26 9.11 9.43
C CYS A 4034 14.28 9.12 10.60
N VAL A 4035 13.04 8.72 10.30
CA VAL A 4035 11.89 8.95 11.16
C VAL A 4035 11.98 8.11 12.43
N ASP A 4036 11.11 8.41 13.39
CA ASP A 4036 11.06 7.68 14.65
C ASP A 4036 10.93 6.18 14.40
N GLY A 4037 11.55 5.41 15.29
CA GLY A 4037 11.61 3.97 15.11
C GLY A 4037 12.71 3.49 14.21
N PHE A 4038 13.64 4.36 13.83
CA PHE A 4038 14.76 4.00 12.95
C PHE A 4038 16.02 4.65 13.51
N LYS A 4039 16.86 3.85 14.15
CA LYS A 4039 18.15 4.35 14.61
C LYS A 4039 19.13 4.45 13.45
N SER A 4040 19.78 5.60 13.32
CA SER A 4040 20.77 5.79 12.27
C SER A 4040 21.94 4.85 12.50
N MET A 4041 22.30 4.09 11.46
CA MET A 4041 23.38 3.11 11.54
C MET A 4041 24.27 3.29 10.32
N SER A 4042 25.47 3.81 10.53
CA SER A 4042 26.43 3.88 9.44
C SER A 4042 26.75 2.49 8.91
N THR A 4043 26.70 2.34 7.59
CA THR A 4043 26.87 1.05 6.95
C THR A 4043 27.85 1.18 5.80
N HIS A 4044 28.04 0.07 5.09
CA HIS A 4044 29.03 0.02 4.02
C HIS A 4044 28.41 0.56 2.73
N TYR A 4045 29.16 1.43 2.05
CA TYR A 4045 28.69 2.11 0.83
C TYR A 4045 27.43 2.92 1.10
N GLY A 4046 27.40 3.64 2.21
CA GLY A 4046 26.28 4.50 2.55
C GLY A 4046 25.69 4.17 3.90
N GLU A 4047 24.97 5.14 4.47
CA GLU A 4047 24.37 4.98 5.78
C GLU A 4047 22.89 4.65 5.66
N ARG A 4048 22.41 3.80 6.55
CA ARG A 4048 21.00 3.40 6.61
C ARG A 4048 20.52 3.50 8.05
N CYS A 4049 19.25 3.17 8.27
CA CYS A 4049 18.65 3.22 9.58
C CYS A 4049 18.04 1.86 9.92
N ALA A 4050 18.32 1.38 11.13
CA ALA A 4050 18.02 0.02 11.52
C ALA A 4050 16.52 -0.16 11.78
N ALA A 4051 16.14 -1.39 12.17
CA ALA A 4051 14.74 -1.75 12.32
C ALA A 4051 14.19 -1.55 13.73
N ASP A 4052 15.05 -1.21 14.70
CA ASP A 4052 14.61 -0.89 16.05
C ASP A 4052 13.71 -2.00 16.61
N GLY A 4053 14.13 -3.24 16.43
CA GLY A 4053 13.34 -4.36 16.91
C GLY A 4053 13.91 -5.67 16.44
N SER A 4054 13.10 -6.72 16.57
CA SER A 4054 13.52 -8.04 16.13
C SER A 4054 13.71 -8.04 14.62
N PRO A 4055 14.71 -8.74 14.11
CA PRO A 4055 14.95 -8.76 12.66
C PRO A 4055 13.72 -9.26 11.90
N PRO A 4056 13.46 -8.72 10.72
CA PRO A 4056 12.25 -9.11 9.98
C PRO A 4056 12.27 -10.56 9.57
N LEU A 4057 11.07 -11.14 9.48
CA LEU A 4057 10.87 -12.49 8.99
C LEU A 4057 10.35 -12.43 7.56
N LEU A 4058 10.43 -13.57 6.88
CA LEU A 4058 9.85 -13.73 5.55
C LEU A 4058 8.77 -14.81 5.60
N LEU A 4059 7.66 -14.54 4.91
CA LEU A 4059 6.54 -15.46 4.83
C LEU A 4059 6.48 -16.00 3.42
N LEU A 4060 6.73 -17.29 3.27
CA LEU A 4060 6.85 -17.94 1.97
C LEU A 4060 5.74 -18.98 1.79
N PRO A 4061 4.69 -18.68 1.04
CA PRO A 4061 3.59 -19.63 0.89
C PRO A 4061 3.83 -20.65 -0.22
N GLU A 4062 3.91 -21.93 0.14
CA GLU A 4062 3.89 -23.02 -0.81
C GLU A 4062 2.49 -23.63 -0.87
N ASN A 4063 2.22 -24.35 -1.95
CA ASN A 4063 0.87 -24.84 -2.21
C ASN A 4063 0.37 -25.79 -1.12
N VAL A 4064 1.27 -26.34 -0.31
CA VAL A 4064 0.89 -27.24 0.77
C VAL A 4064 1.15 -26.63 2.14
N ARG A 4065 2.13 -25.75 2.27
CA ARG A 4065 2.55 -25.27 3.58
C ARG A 4065 3.06 -23.84 3.53
N ILE A 4066 3.17 -23.20 4.69
CA ILE A 4066 3.74 -21.86 4.82
C ILE A 4066 5.02 -21.98 5.63
N ARG A 4067 6.08 -21.32 5.16
CA ARG A 4067 7.39 -21.39 5.80
C ARG A 4067 7.82 -20.01 6.27
N LYS A 4068 8.53 -19.98 7.39
CA LYS A 4068 9.09 -18.77 7.96
C LYS A 4068 10.59 -18.77 7.79
N TYR A 4069 11.18 -17.57 7.84
CA TYR A 4069 12.62 -17.45 7.67
C TYR A 4069 13.10 -16.20 8.40
N ASN A 4070 13.92 -16.39 9.43
CA ASN A 4070 14.55 -15.28 10.12
C ASN A 4070 15.70 -14.75 9.27
N THR A 4071 15.62 -13.48 8.88
CA THR A 4071 16.62 -12.93 7.98
C THR A 4071 18.00 -12.90 8.63
N SER A 4072 18.06 -12.59 9.93
CA SER A 4072 19.34 -12.52 10.62
C SER A 4072 19.82 -13.88 11.13
N SER A 4073 18.94 -14.65 11.75
CA SER A 4073 19.32 -15.98 12.22
C SER A 4073 19.55 -16.95 11.07
N GLU A 4074 18.92 -16.70 9.92
CA GLU A 4074 19.07 -17.54 8.72
C GLU A 4074 18.74 -19.00 9.02
N LYS A 4075 17.52 -19.22 9.48
CA LYS A 4075 17.04 -20.57 9.75
C LYS A 4075 15.53 -20.61 9.58
N PHE A 4076 15.02 -21.77 9.19
CA PHE A 4076 13.59 -21.96 8.98
C PHE A 4076 12.92 -22.26 10.31
N SER A 4077 11.63 -22.57 10.26
CA SER A 4077 10.86 -22.95 11.45
C SER A 4077 9.55 -23.55 10.99
N GLU A 4078 9.15 -24.64 11.62
CA GLU A 4078 7.92 -25.31 11.26
C GLU A 4078 6.73 -24.40 11.52
N TYR A 4079 5.85 -24.27 10.53
CA TYR A 4079 4.65 -23.46 10.65
C TYR A 4079 3.52 -24.24 9.97
N LEU A 4080 2.46 -23.52 9.60
CA LEU A 4080 1.26 -24.10 9.00
C LEU A 4080 1.58 -25.16 7.94
N GLU A 4081 1.05 -26.36 8.14
CA GLU A 4081 1.30 -27.49 7.24
C GLU A 4081 -0.01 -28.23 7.02
N GLU A 4082 0.08 -29.29 6.22
CA GLU A 4082 -1.05 -30.17 5.95
C GLU A 4082 -2.21 -29.40 5.32
N GLU A 4083 -1.90 -28.44 4.46
CA GLU A 4083 -2.90 -27.67 3.75
C GLU A 4083 -2.82 -27.98 2.26
N GLU A 4084 -3.67 -27.32 1.47
CA GLU A 4084 -3.76 -27.59 0.04
C GLU A 4084 -4.03 -26.29 -0.70
N HIS A 4085 -3.26 -26.02 -1.75
CA HIS A 4085 -3.50 -24.90 -2.66
C HIS A 4085 -3.44 -23.55 -1.98
N ILE A 4086 -2.30 -23.23 -1.35
CA ILE A 4086 -2.15 -21.92 -0.71
C ILE A 4086 -1.87 -20.85 -1.77
N GLN A 4087 -2.25 -19.62 -1.44
CA GLN A 4087 -2.12 -18.48 -2.33
C GLN A 4087 -1.65 -17.30 -1.49
N THR A 4088 -1.83 -16.08 -2.01
CA THR A 4088 -1.26 -14.87 -1.42
C THR A 4088 -1.50 -14.80 0.09
N ILE A 4089 -0.59 -14.09 0.77
CA ILE A 4089 -0.54 -14.01 2.22
C ILE A 4089 -0.54 -12.55 2.65
N ASP A 4090 -1.30 -12.25 3.70
CA ASP A 4090 -1.19 -10.97 4.38
C ASP A 4090 -1.46 -11.19 5.87
N TYR A 4091 -0.96 -10.28 6.70
CA TYR A 4091 -1.02 -10.46 8.13
C TYR A 4091 -1.47 -9.16 8.81
N ASP A 4092 -1.97 -9.32 10.04
CA ASP A 4092 -2.33 -8.20 10.89
C ASP A 4092 -1.49 -8.28 12.16
N TRP A 4093 -0.74 -7.23 12.46
CA TRP A 4093 0.20 -7.24 13.58
C TRP A 4093 -0.56 -7.15 14.90
N ASP A 4094 -0.38 -8.19 15.74
CA ASP A 4094 -0.82 -8.33 17.14
C ASP A 4094 -2.10 -7.55 17.46
N PRO A 4095 -3.24 -7.93 16.86
CA PRO A 4095 -4.48 -7.17 17.12
C PRO A 4095 -4.86 -7.09 18.59
N GLU A 4096 -4.64 -8.15 19.36
CA GLU A 4096 -5.00 -8.17 20.77
C GLU A 4096 -3.84 -7.82 21.69
N HIS A 4097 -2.68 -7.48 21.12
CA HIS A 4097 -1.49 -7.08 21.89
C HIS A 4097 -1.02 -8.16 22.87
N ILE A 4098 -1.42 -9.41 22.64
CA ILE A 4098 -1.03 -10.51 23.51
C ILE A 4098 0.24 -11.15 22.97
N GLY A 4099 0.88 -10.48 22.00
CA GLY A 4099 2.12 -10.97 21.43
C GLY A 4099 1.97 -11.98 20.32
N LEU A 4100 0.80 -12.08 19.69
CA LEU A 4100 0.55 -13.02 18.61
C LEU A 4100 -0.11 -12.27 17.45
N SER A 4101 0.63 -12.11 16.34
CA SER A 4101 0.04 -11.58 15.13
C SER A 4101 -0.75 -12.67 14.40
N VAL A 4102 -1.64 -12.26 13.51
CA VAL A 4102 -2.49 -13.17 12.76
C VAL A 4102 -2.24 -12.96 11.27
N VAL A 4103 -2.02 -14.04 10.54
CA VAL A 4103 -1.84 -14.00 9.10
C VAL A 4103 -3.09 -14.54 8.42
N TYR A 4104 -3.33 -14.09 7.19
CA TYR A 4104 -4.47 -14.50 6.40
C TYR A 4104 -3.95 -15.17 5.13
N TYR A 4105 -4.46 -16.37 4.84
CA TYR A 4105 -4.06 -17.12 3.67
C TYR A 4105 -5.29 -17.61 2.93
N THR A 4106 -5.22 -17.58 1.60
CA THR A 4106 -6.33 -18.00 0.78
C THR A 4106 -6.06 -19.37 0.16
N VAL A 4107 -7.13 -20.11 -0.08
CA VAL A 4107 -7.06 -21.46 -0.61
C VAL A 4107 -7.74 -21.48 -1.98
N LEU A 4108 -7.01 -21.96 -2.98
CA LEU A 4108 -7.58 -22.07 -4.31
C LEU A 4108 -8.66 -23.15 -4.35
N ALA A 4109 -9.52 -23.06 -5.35
CA ALA A 4109 -10.59 -24.04 -5.53
C ALA A 4109 -10.10 -25.16 -6.42
N GLN A 4110 -10.16 -26.39 -5.92
CA GLN A 4110 -9.72 -27.57 -6.65
C GLN A 4110 -10.91 -28.46 -6.97
N GLY A 4111 -10.83 -29.13 -8.12
CA GLY A 4111 -11.90 -30.02 -8.55
C GLY A 4111 -13.23 -29.31 -8.66
N SER A 4112 -14.19 -29.69 -7.83
CA SER A 4112 -15.51 -29.08 -7.79
C SER A 4112 -15.84 -28.57 -6.40
N GLN A 4113 -14.82 -28.18 -5.63
CA GLN A 4113 -14.99 -27.67 -4.28
C GLN A 4113 -14.43 -26.26 -4.22
N PHE A 4114 -15.19 -25.34 -3.63
CA PHE A 4114 -14.77 -23.95 -3.56
C PHE A 4114 -13.62 -23.78 -2.59
N GLY A 4115 -12.84 -22.72 -2.82
CA GLY A 4115 -11.78 -22.34 -1.91
C GLY A 4115 -12.33 -21.54 -0.74
N ALA A 4116 -11.41 -20.97 0.04
CA ALA A 4116 -11.81 -20.23 1.22
C ALA A 4116 -10.71 -19.27 1.63
N ILE A 4117 -11.07 -18.31 2.47
CA ILE A 4117 -10.12 -17.39 3.09
C ILE A 4117 -9.99 -17.76 4.55
N LYS A 4118 -8.86 -18.34 4.92
CA LYS A 4118 -8.64 -18.77 6.30
C LYS A 4118 -7.60 -17.88 6.97
N ARG A 4119 -7.66 -17.86 8.30
CA ARG A 4119 -6.75 -17.06 9.11
C ARG A 4119 -6.25 -17.89 10.29
N ALA A 4120 -5.05 -17.56 10.76
CA ALA A 4120 -4.44 -18.30 11.86
C ALA A 4120 -3.41 -17.41 12.53
N TYR A 4121 -3.05 -17.77 13.75
CA TYR A 4121 -2.06 -17.02 14.51
C TYR A 4121 -0.65 -17.36 14.05
N ILE A 4122 0.29 -16.49 14.41
CA ILE A 4122 1.71 -16.77 14.25
C ILE A 4122 2.46 -16.05 15.37
N PRO A 4123 3.37 -16.73 16.06
CA PRO A 4123 4.09 -16.08 17.17
C PRO A 4123 5.10 -15.08 16.66
N ASN A 4124 5.12 -13.90 17.27
CA ASN A 4124 6.15 -12.91 16.94
C ASN A 4124 7.49 -13.30 17.53
N PHE A 4125 7.49 -14.17 18.54
CA PHE A 4125 8.73 -14.61 19.15
C PHE A 4125 9.29 -15.84 18.42
N GLU A 4126 10.32 -16.43 19.00
CA GLU A 4126 11.14 -17.43 18.33
C GLU A 4126 10.54 -18.83 18.36
N SER A 4127 9.42 -19.04 19.05
CA SER A 4127 8.88 -20.38 19.20
C SER A 4127 8.40 -20.93 17.86
N GLY A 4128 8.46 -22.25 17.74
CA GLY A 4128 7.99 -22.92 16.54
C GLY A 4128 8.19 -24.42 16.68
N SER A 4129 7.56 -25.15 15.75
CA SER A 4129 7.69 -26.60 15.61
C SER A 4129 7.03 -27.35 16.77
N ASN A 4130 6.52 -26.62 17.75
CA ASN A 4130 5.88 -27.24 18.91
C ASN A 4130 4.56 -26.57 19.26
N ASN A 4131 4.13 -25.61 18.45
CA ASN A 4131 2.89 -24.89 18.70
C ASN A 4131 1.89 -25.27 17.62
N PRO A 4132 0.96 -26.19 17.91
CA PRO A 4132 0.02 -26.64 16.87
C PRO A 4132 -0.88 -25.52 16.40
N ILE A 4133 -0.71 -25.10 15.15
CA ILE A 4133 -1.50 -24.02 14.58
C ILE A 4133 -2.82 -24.57 14.09
N ARG A 4134 -3.92 -23.98 14.53
CA ARG A 4134 -5.26 -24.41 14.17
C ARG A 4134 -5.82 -23.47 13.12
N GLU A 4135 -6.23 -24.03 11.98
CA GLU A 4135 -6.80 -23.24 10.90
C GLU A 4135 -8.29 -23.05 11.11
N VAL A 4136 -8.78 -21.86 10.78
CA VAL A 4136 -10.20 -21.55 10.86
C VAL A 4136 -10.62 -20.81 9.60
N ASP A 4137 -11.73 -21.24 9.00
CA ASP A 4137 -12.26 -20.61 7.81
C ASP A 4137 -13.13 -19.42 8.20
N LEU A 4138 -13.07 -18.36 7.40
CA LEU A 4138 -13.86 -17.18 7.65
C LEU A 4138 -15.32 -17.35 7.23
N GLY A 4139 -15.65 -18.42 6.53
CA GLY A 4139 -17.01 -18.62 6.07
C GLY A 4139 -17.37 -17.91 4.80
N LEU A 4140 -16.39 -17.30 4.11
CA LEU A 4140 -16.64 -16.60 2.85
C LEU A 4140 -16.78 -17.62 1.73
N LYS A 4141 -17.93 -18.29 1.72
CA LYS A 4141 -18.19 -19.32 0.74
C LYS A 4141 -18.37 -18.72 -0.65
N TYR A 4142 -18.53 -19.61 -1.64
CA TYR A 4142 -18.77 -19.22 -3.03
C TYR A 4142 -17.60 -18.39 -3.57
N LEU A 4143 -16.41 -18.95 -3.44
CA LEU A 4143 -15.17 -18.27 -3.77
C LEU A 4143 -14.25 -19.23 -4.52
N MET A 4144 -13.64 -18.75 -5.60
CA MET A 4144 -12.91 -19.63 -6.50
C MET A 4144 -11.42 -19.39 -6.52
N GLN A 4145 -10.96 -18.18 -6.83
CA GLN A 4145 -9.53 -17.94 -7.06
C GLN A 4145 -9.14 -16.59 -6.47
N PRO A 4146 -8.76 -16.57 -5.19
CA PRO A 4146 -8.27 -15.33 -4.59
C PRO A 4146 -6.80 -15.08 -4.89
N ASP A 4147 -6.52 -14.55 -6.08
CA ASP A 4147 -5.12 -14.31 -6.46
C ASP A 4147 -4.50 -13.21 -5.60
N GLY A 4148 -5.30 -12.29 -5.11
CA GLY A 4148 -4.79 -11.17 -4.33
C GLY A 4148 -5.58 -10.97 -3.05
N LEU A 4149 -4.87 -10.56 -2.00
CA LEU A 4149 -5.49 -10.31 -0.71
C LEU A 4149 -4.68 -9.25 0.03
N ALA A 4150 -5.38 -8.38 0.74
CA ALA A 4150 -4.75 -7.35 1.56
C ALA A 4150 -5.64 -7.07 2.76
N VAL A 4151 -5.00 -6.74 3.88
CA VAL A 4151 -5.70 -6.53 5.14
C VAL A 4151 -5.52 -5.06 5.54
N ASP A 4152 -6.64 -4.37 5.72
CA ASP A 4152 -6.64 -3.00 6.22
C ASP A 4152 -6.65 -3.05 7.73
N TRP A 4153 -5.49 -2.79 8.34
CA TRP A 4153 -5.38 -2.86 9.80
C TRP A 4153 -6.05 -1.68 10.50
N VAL A 4154 -6.30 -0.59 9.77
CA VAL A 4154 -6.94 0.59 10.36
C VAL A 4154 -8.45 0.41 10.37
N GLY A 4155 -9.02 0.08 9.22
CA GLY A 4155 -10.45 -0.14 9.10
C GLY A 4155 -10.93 -1.51 9.54
N ARG A 4156 -10.00 -2.41 9.89
CA ARG A 4156 -10.34 -3.77 10.31
C ARG A 4156 -11.14 -4.51 9.24
N HIS A 4157 -10.78 -4.29 7.98
CA HIS A 4157 -11.42 -4.96 6.86
C HIS A 4157 -10.38 -5.71 6.05
N ILE A 4158 -10.84 -6.73 5.32
CA ILE A 4158 -9.98 -7.56 4.48
C ILE A 4158 -10.44 -7.41 3.04
N TYR A 4159 -9.52 -7.01 2.17
CA TYR A 4159 -9.80 -6.81 0.75
C TYR A 4159 -9.18 -7.94 -0.04
N TRP A 4160 -10.00 -8.63 -0.85
CA TRP A 4160 -9.49 -9.68 -1.71
C TRP A 4160 -10.09 -9.52 -3.10
N SER A 4161 -9.36 -10.01 -4.10
CA SER A 4161 -9.77 -9.91 -5.49
C SER A 4161 -9.86 -11.31 -6.08
N ASP A 4162 -11.06 -11.70 -6.50
CA ASP A 4162 -11.28 -13.01 -7.11
C ASP A 4162 -11.09 -12.89 -8.61
N ALA A 4163 -10.11 -13.62 -9.15
CA ALA A 4163 -9.85 -13.56 -10.58
C ALA A 4163 -10.99 -14.15 -11.39
N LYS A 4164 -11.52 -15.30 -10.94
CA LYS A 4164 -12.60 -15.95 -11.69
C LYS A 4164 -13.89 -15.15 -11.62
N SER A 4165 -14.20 -14.59 -10.44
CA SER A 4165 -15.41 -13.81 -10.29
C SER A 4165 -15.29 -12.41 -10.86
N GLN A 4166 -14.09 -12.01 -11.31
CA GLN A 4166 -13.88 -10.73 -11.98
C GLN A 4166 -14.31 -9.56 -11.11
N ARG A 4167 -14.01 -9.63 -9.82
CA ARG A 4167 -14.41 -8.58 -8.89
C ARG A 4167 -13.42 -8.50 -7.74
N ILE A 4168 -13.38 -7.33 -7.10
CA ILE A 4168 -12.63 -7.12 -5.87
C ILE A 4168 -13.60 -6.59 -4.83
N GLU A 4169 -13.66 -7.26 -3.68
CA GLU A 4169 -14.69 -7.01 -2.69
C GLU A 4169 -14.07 -6.88 -1.31
N VAL A 4170 -14.90 -6.61 -0.32
CA VAL A 4170 -14.44 -6.32 1.04
C VAL A 4170 -15.39 -6.96 2.04
N ALA A 4171 -14.83 -7.33 3.19
CA ALA A 4171 -15.60 -7.85 4.31
C ALA A 4171 -14.80 -7.59 5.57
N THR A 4172 -15.47 -7.71 6.72
CA THR A 4172 -14.79 -7.48 7.98
C THR A 4172 -13.80 -8.63 8.27
N LEU A 4173 -12.97 -8.42 9.29
CA LEU A 4173 -11.86 -9.34 9.54
C LEU A 4173 -12.36 -10.75 9.83
N ASP A 4174 -13.55 -10.87 10.42
CA ASP A 4174 -14.10 -12.19 10.74
C ASP A 4174 -15.01 -12.74 9.64
N GLY A 4175 -15.05 -12.10 8.48
CA GLY A 4175 -15.75 -12.65 7.34
C GLY A 4175 -17.22 -12.31 7.24
N ARG A 4176 -17.70 -11.35 8.02
CA ARG A 4176 -19.10 -10.96 7.97
C ARG A 4176 -19.32 -9.77 7.06
N TYR A 4177 -20.57 -9.56 6.68
CA TYR A 4177 -21.01 -8.40 5.92
C TYR A 4177 -20.25 -8.28 4.59
N ARG A 4178 -20.33 -9.33 3.79
CA ARG A 4178 -19.68 -9.34 2.50
C ARG A 4178 -20.31 -8.32 1.57
N LYS A 4179 -19.47 -7.50 0.95
CA LYS A 4179 -19.94 -6.48 0.01
C LYS A 4179 -19.02 -6.45 -1.20
N TRP A 4180 -19.63 -6.51 -2.38
CA TRP A 4180 -18.85 -6.32 -3.61
C TRP A 4180 -18.48 -4.86 -3.74
N LEU A 4181 -17.20 -4.59 -3.98
CA LEU A 4181 -16.71 -3.21 -4.03
C LEU A 4181 -16.58 -2.70 -5.46
N ILE A 4182 -15.82 -3.39 -6.31
CA ILE A 4182 -15.65 -3.02 -7.71
C ILE A 4182 -15.90 -4.27 -8.55
N THR A 4183 -16.84 -4.16 -9.50
CA THR A 4183 -17.23 -5.29 -10.32
C THR A 4183 -17.19 -5.03 -11.82
N THR A 4184 -16.79 -3.84 -12.25
CA THR A 4184 -16.84 -3.46 -13.66
C THR A 4184 -15.44 -3.24 -14.20
N GLN A 4185 -15.24 -3.61 -15.47
CA GLN A 4185 -13.99 -3.40 -16.19
C GLN A 4185 -12.81 -4.05 -15.47
N LEU A 4186 -12.98 -5.29 -15.05
CA LEU A 4186 -11.93 -6.08 -14.43
C LEU A 4186 -11.76 -7.37 -15.20
N ASP A 4187 -10.63 -7.51 -15.90
CA ASP A 4187 -10.38 -8.72 -16.67
C ASP A 4187 -9.82 -9.83 -15.77
N GLN A 4188 -8.67 -9.59 -15.17
CA GLN A 4188 -8.06 -10.55 -14.25
C GLN A 4188 -7.36 -9.79 -13.14
N PRO A 4189 -8.09 -9.48 -12.06
CA PRO A 4189 -7.51 -8.67 -10.98
C PRO A 4189 -6.40 -9.43 -10.27
N ALA A 4190 -5.19 -8.86 -10.30
CA ALA A 4190 -4.03 -9.45 -9.66
C ALA A 4190 -3.91 -8.92 -8.23
N ALA A 4191 -2.74 -9.13 -7.61
CA ALA A 4191 -2.53 -8.72 -6.23
C ALA A 4191 -2.86 -7.25 -6.03
N ILE A 4192 -3.37 -6.93 -4.84
CA ILE A 4192 -3.85 -5.60 -4.51
C ILE A 4192 -3.07 -5.07 -3.31
N ALA A 4193 -3.27 -3.80 -3.01
CA ALA A 4193 -2.64 -3.17 -1.85
C ALA A 4193 -3.54 -2.05 -1.35
N VAL A 4194 -3.36 -1.71 -0.07
CA VAL A 4194 -4.15 -0.68 0.58
C VAL A 4194 -3.20 0.25 1.34
N ASN A 4195 -3.53 1.55 1.35
CA ASN A 4195 -2.76 2.56 2.04
C ASN A 4195 -3.71 3.37 2.90
N PRO A 4196 -4.00 2.91 4.13
CA PRO A 4196 -4.96 3.63 4.97
C PRO A 4196 -4.57 5.06 5.30
N LYS A 4197 -3.28 5.39 5.28
CA LYS A 4197 -2.87 6.75 5.60
C LYS A 4197 -3.45 7.74 4.59
N LEU A 4198 -3.38 7.40 3.30
CA LEU A 4198 -3.96 8.24 2.26
C LEU A 4198 -5.38 7.83 1.90
N GLY A 4199 -5.91 6.77 2.51
CA GLY A 4199 -7.24 6.29 2.15
C GLY A 4199 -7.35 5.86 0.70
N LEU A 4200 -6.32 5.20 0.18
CA LEU A 4200 -6.28 4.81 -1.22
C LEU A 4200 -5.96 3.32 -1.34
N MET A 4201 -6.78 2.60 -2.09
CA MET A 4201 -6.52 1.21 -2.42
C MET A 4201 -5.88 1.13 -3.79
N PHE A 4202 -5.02 0.15 -4.01
CA PHE A 4202 -4.36 -0.07 -5.28
C PHE A 4202 -4.52 -1.53 -5.69
N TRP A 4203 -4.68 -1.76 -6.99
CA TRP A 4203 -4.77 -3.13 -7.49
C TRP A 4203 -4.30 -3.15 -8.93
N THR A 4204 -3.94 -4.34 -9.39
CA THR A 4204 -3.41 -4.56 -10.73
C THR A 4204 -4.30 -5.51 -11.50
N ASP A 4205 -4.44 -5.25 -12.80
CA ASP A 4205 -5.16 -6.13 -13.71
C ASP A 4205 -4.16 -6.67 -14.73
N GLN A 4206 -4.12 -8.00 -14.86
CA GLN A 4206 -3.17 -8.66 -15.75
C GLN A 4206 -3.88 -9.39 -16.90
N GLY A 4207 -5.06 -8.91 -17.28
CA GLY A 4207 -5.82 -9.49 -18.38
C GLY A 4207 -5.30 -9.05 -19.72
N LYS A 4208 -6.22 -8.92 -20.68
CA LYS A 4208 -5.84 -8.50 -22.03
C LYS A 4208 -5.43 -7.04 -22.09
N GLN A 4209 -5.86 -6.22 -21.13
CA GLN A 4209 -5.51 -4.80 -21.05
C GLN A 4209 -4.86 -4.56 -19.69
N PRO A 4210 -3.56 -4.81 -19.57
CA PRO A 4210 -2.89 -4.59 -18.28
C PRO A 4210 -2.96 -3.15 -17.86
N LYS A 4211 -3.16 -2.94 -16.55
CA LYS A 4211 -3.26 -1.60 -15.99
C LYS A 4211 -3.09 -1.69 -14.49
N ILE A 4212 -2.71 -0.55 -13.90
CA ILE A 4212 -2.61 -0.41 -12.46
C ILE A 4212 -3.58 0.68 -12.03
N GLU A 4213 -4.58 0.31 -11.25
CA GLU A 4213 -5.66 1.21 -10.89
C GLU A 4213 -5.63 1.48 -9.39
N SER A 4214 -6.01 2.70 -9.02
CA SER A 4214 -6.16 3.08 -7.62
C SER A 4214 -7.53 3.70 -7.42
N ALA A 4215 -8.03 3.60 -6.19
CA ALA A 4215 -9.33 4.14 -5.85
C ALA A 4215 -9.40 4.32 -4.34
N TRP A 4216 -10.46 4.97 -3.90
CA TRP A 4216 -10.71 5.07 -2.46
C TRP A 4216 -11.12 3.72 -1.91
N MET A 4217 -10.91 3.53 -0.60
CA MET A 4217 -11.37 2.31 0.05
C MET A 4217 -12.89 2.17 -0.06
N ASN A 4218 -13.60 3.29 -0.19
CA ASN A 4218 -15.03 3.23 -0.42
C ASN A 4218 -15.38 2.64 -1.77
N GLY A 4219 -14.56 2.90 -2.78
CA GLY A 4219 -14.83 2.47 -4.14
C GLY A 4219 -15.09 3.58 -5.12
N GLU A 4220 -15.12 4.84 -4.67
CA GLU A 4220 -15.33 5.97 -5.56
C GLU A 4220 -14.02 6.45 -6.15
N HIS A 4221 -14.13 7.29 -7.18
CA HIS A 4221 -12.98 7.95 -7.80
C HIS A 4221 -11.96 6.94 -8.31
N ARG A 4222 -12.45 5.83 -8.87
CA ARG A 4222 -11.58 4.87 -9.52
C ARG A 4222 -10.85 5.52 -10.68
N SER A 4223 -9.54 5.30 -10.76
CA SER A 4223 -8.73 5.89 -11.82
C SER A 4223 -7.62 4.92 -12.20
N VAL A 4224 -7.04 5.17 -13.38
CA VAL A 4224 -5.97 4.33 -13.92
C VAL A 4224 -4.66 5.07 -13.74
N LEU A 4225 -3.70 4.42 -13.09
CA LEU A 4225 -2.41 5.03 -12.79
C LEU A 4225 -1.44 4.89 -13.97
N VAL A 4226 -1.12 3.65 -14.35
CA VAL A 4226 -0.25 3.40 -15.48
C VAL A 4226 -0.82 2.26 -16.31
N SER A 4227 -0.84 2.43 -17.64
CA SER A 4227 -1.28 1.38 -18.54
C SER A 4227 -0.37 1.23 -19.75
N GLU A 4228 0.77 1.93 -19.80
CA GLU A 4228 1.67 1.87 -20.93
C GLU A 4228 2.95 1.14 -20.54
N ASN A 4229 3.51 0.40 -21.50
CA ASN A 4229 4.72 -0.40 -21.29
C ASN A 4229 4.53 -1.36 -20.12
N LEU A 4230 3.36 -1.99 -20.06
CA LEU A 4230 3.02 -2.93 -18.99
C LEU A 4230 2.84 -4.32 -19.60
N GLY A 4231 3.42 -5.32 -18.94
CA GLY A 4231 3.29 -6.70 -19.37
C GLY A 4231 2.28 -7.44 -18.53
N TRP A 4232 2.75 -8.20 -17.54
CA TRP A 4232 1.89 -8.93 -16.60
C TRP A 4232 2.12 -8.35 -15.21
N PRO A 4233 1.49 -7.23 -14.85
CA PRO A 4233 1.64 -6.71 -13.50
C PRO A 4233 0.93 -7.59 -12.49
N ASN A 4234 1.70 -8.36 -11.74
CA ASN A 4234 1.19 -9.42 -10.90
C ASN A 4234 1.51 -9.28 -9.43
N GLY A 4235 2.44 -8.38 -9.07
CA GLY A 4235 2.73 -8.13 -7.67
C GLY A 4235 2.97 -6.66 -7.41
N LEU A 4236 2.28 -6.10 -6.42
CA LEU A 4236 2.35 -4.67 -6.16
C LEU A 4236 2.49 -4.43 -4.66
N SER A 4237 3.33 -3.46 -4.31
CA SER A 4237 3.55 -3.11 -2.92
C SER A 4237 3.85 -1.61 -2.83
N ILE A 4238 3.58 -1.04 -1.66
CA ILE A 4238 3.69 0.38 -1.44
C ILE A 4238 4.79 0.65 -0.42
N ASP A 4239 5.62 1.65 -0.73
CA ASP A 4239 6.67 2.11 0.18
C ASP A 4239 6.05 3.21 1.04
N TYR A 4240 5.52 2.82 2.19
CA TYR A 4240 4.80 3.77 3.04
C TYR A 4240 5.73 4.86 3.57
N LEU A 4241 6.96 4.49 3.91
CA LEU A 4241 7.87 5.42 4.57
C LEU A 4241 8.61 6.34 3.62
N ASN A 4242 8.41 6.20 2.31
CA ASN A 4242 9.07 7.05 1.32
C ASN A 4242 8.00 7.65 0.41
N ASP A 4243 7.40 8.75 0.84
CA ASP A 4243 6.44 9.52 0.05
C ASP A 4243 5.27 8.67 -0.44
N ASP A 4244 4.99 7.55 0.23
CA ASP A 4244 3.94 6.61 -0.19
C ASP A 4244 4.12 6.19 -1.64
N ARG A 4245 5.37 5.98 -2.04
CA ARG A 4245 5.68 5.58 -3.39
C ARG A 4245 5.21 4.15 -3.65
N VAL A 4246 4.83 3.88 -4.89
CA VAL A 4246 4.26 2.59 -5.28
C VAL A 4246 5.24 1.86 -6.18
N TYR A 4247 5.52 0.61 -5.85
CA TYR A 4247 6.33 -0.28 -6.67
C TYR A 4247 5.47 -1.44 -7.15
N TRP A 4248 5.84 -2.00 -8.30
CA TRP A 4248 5.13 -3.17 -8.81
C TRP A 4248 6.10 -4.04 -9.58
N SER A 4249 5.73 -5.32 -9.72
CA SER A 4249 6.56 -6.32 -10.37
C SER A 4249 5.87 -6.81 -11.63
N ASP A 4250 6.59 -6.80 -12.74
CA ASP A 4250 6.07 -7.25 -14.04
C ASP A 4250 6.79 -8.53 -14.42
N SER A 4251 6.05 -9.65 -14.42
CA SER A 4251 6.65 -10.95 -14.69
C SER A 4251 6.80 -11.24 -16.17
N LYS A 4252 6.21 -10.42 -17.05
CA LYS A 4252 6.35 -10.61 -18.48
C LYS A 4252 7.41 -9.72 -19.11
N GLU A 4253 7.41 -8.42 -18.77
CA GLU A 4253 8.48 -7.54 -19.22
C GLU A 4253 9.77 -7.78 -18.46
N ASP A 4254 9.72 -8.49 -17.33
CA ASP A 4254 10.89 -8.81 -16.52
C ASP A 4254 11.56 -7.52 -16.01
N VAL A 4255 10.79 -6.75 -15.24
CA VAL A 4255 11.25 -5.48 -14.71
C VAL A 4255 10.42 -5.14 -13.49
N ILE A 4256 10.97 -4.31 -12.61
CA ILE A 4256 10.27 -3.79 -11.44
C ILE A 4256 10.37 -2.28 -11.48
N GLU A 4257 9.23 -1.61 -11.46
CA GLU A 4257 9.15 -0.16 -11.64
C GLU A 4257 8.51 0.49 -10.42
N ALA A 4258 8.71 1.80 -10.31
CA ALA A 4258 8.17 2.58 -9.20
C ALA A 4258 7.57 3.88 -9.72
N ILE A 4259 6.39 4.21 -9.20
CA ILE A 4259 5.69 5.44 -9.58
C ILE A 4259 5.13 6.07 -8.32
N LYS A 4260 5.04 7.40 -8.32
CA LYS A 4260 4.40 8.09 -7.21
C LYS A 4260 2.91 7.78 -7.21
N TYR A 4261 2.30 7.90 -6.02
CA TYR A 4261 0.94 7.44 -5.83
C TYR A 4261 -0.06 8.18 -6.72
N ASP A 4262 0.30 9.36 -7.23
CA ASP A 4262 -0.54 10.06 -8.19
C ASP A 4262 -0.26 9.67 -9.64
N GLY A 4263 0.85 8.99 -9.91
CA GLY A 4263 1.13 8.45 -11.23
C GLY A 4263 2.20 9.17 -12.04
N THR A 4264 2.85 10.18 -11.49
CA THR A 4264 3.92 10.88 -12.19
C THR A 4264 5.27 10.32 -11.78
N ASP A 4265 6.30 10.71 -12.55
CA ASP A 4265 7.68 10.29 -12.30
C ASP A 4265 7.83 8.78 -12.33
N ARG A 4266 7.54 8.20 -13.49
CA ARG A 4266 7.71 6.76 -13.69
C ARG A 4266 9.17 6.46 -14.01
N ARG A 4267 9.72 5.46 -13.33
CA ARG A 4267 11.10 5.06 -13.55
C ARG A 4267 11.27 3.59 -13.22
N LEU A 4268 11.92 2.85 -14.10
CA LEU A 4268 12.23 1.45 -13.81
C LEU A 4268 13.32 1.39 -12.75
N ILE A 4269 13.11 0.52 -11.76
CA ILE A 4269 14.03 0.42 -10.63
C ILE A 4269 15.12 -0.58 -10.98
N ILE A 4270 14.74 -1.83 -11.24
CA ILE A 4270 15.67 -2.88 -11.62
C ILE A 4270 15.11 -3.59 -12.84
N ASN A 4271 15.98 -3.89 -13.81
CA ASN A 4271 15.62 -4.75 -14.92
C ASN A 4271 16.35 -6.09 -14.79
N GLU A 4272 16.20 -6.94 -15.81
CA GLU A 4272 16.64 -8.33 -15.79
C GLU A 4272 16.39 -8.98 -14.43
N ALA A 4273 15.16 -8.87 -13.96
CA ALA A 4273 14.75 -9.38 -12.66
C ALA A 4273 14.37 -10.86 -12.70
N MET A 4274 14.54 -11.52 -13.85
CA MET A 4274 14.24 -12.95 -14.00
C MET A 4274 12.81 -13.26 -13.58
N LYS A 4275 11.86 -12.49 -14.11
CA LYS A 4275 10.42 -12.72 -13.96
C LYS A 4275 9.99 -12.69 -12.51
N PRO A 4276 10.02 -11.52 -11.86
CA PRO A 4276 9.56 -11.43 -10.46
C PRO A 4276 8.08 -11.75 -10.36
N PHE A 4277 7.70 -12.45 -9.29
CA PHE A 4277 6.29 -12.78 -9.10
C PHE A 4277 5.64 -11.85 -8.07
N SER A 4278 6.19 -11.81 -6.86
CA SER A 4278 5.69 -10.92 -5.83
C SER A 4278 6.85 -10.11 -5.30
N LEU A 4279 6.53 -8.95 -4.73
CA LEU A 4279 7.56 -8.07 -4.18
C LEU A 4279 7.09 -7.50 -2.85
N ASP A 4280 8.06 -7.13 -2.03
CA ASP A 4280 7.79 -6.53 -0.73
C ASP A 4280 8.99 -5.68 -0.34
N ILE A 4281 8.73 -4.48 0.15
CA ILE A 4281 9.76 -3.48 0.39
C ILE A 4281 9.97 -3.35 1.90
N PHE A 4282 11.23 -3.37 2.32
CA PHE A 4282 11.58 -3.19 3.71
C PHE A 4282 12.97 -2.61 3.80
N GLU A 4283 13.15 -1.66 4.71
CA GLU A 4283 14.43 -0.96 4.91
C GLU A 4283 14.82 -0.31 3.57
N ASP A 4284 16.12 -0.30 3.27
CA ASP A 4284 16.63 0.26 2.03
C ASP A 4284 16.79 -0.78 0.94
N LYS A 4285 16.03 -1.88 0.99
CA LYS A 4285 16.21 -2.99 0.08
C LYS A 4285 14.86 -3.48 -0.40
N LEU A 4286 14.86 -4.09 -1.58
CA LEU A 4286 13.65 -4.58 -2.22
C LEU A 4286 13.75 -6.08 -2.43
N TYR A 4287 12.68 -6.80 -2.11
CA TYR A 4287 12.64 -8.25 -2.18
C TYR A 4287 11.67 -8.68 -3.27
N TRP A 4288 12.08 -9.66 -4.07
CA TRP A 4288 11.20 -10.22 -5.08
C TRP A 4288 11.56 -11.68 -5.31
N VAL A 4289 10.62 -12.42 -5.91
CA VAL A 4289 10.73 -13.85 -6.10
C VAL A 4289 10.90 -14.15 -7.58
N ALA A 4290 12.01 -14.78 -7.93
CA ALA A 4290 12.16 -15.36 -9.26
C ALA A 4290 11.24 -16.57 -9.36
N LYS A 4291 10.17 -16.46 -10.15
CA LYS A 4291 9.09 -17.43 -10.09
C LYS A 4291 9.56 -18.82 -10.50
N GLU A 4292 10.03 -18.97 -11.74
CA GLU A 4292 10.42 -20.28 -12.23
C GLU A 4292 11.66 -20.82 -11.54
N LYS A 4293 12.60 -19.96 -11.15
CA LYS A 4293 13.77 -20.40 -10.41
C LYS A 4293 13.48 -20.72 -8.95
N GLY A 4294 12.35 -20.25 -8.42
CA GLY A 4294 12.02 -20.51 -7.04
C GLY A 4294 12.96 -19.88 -6.04
N GLU A 4295 13.50 -18.70 -6.35
CA GLU A 4295 14.48 -18.05 -5.51
C GLU A 4295 13.96 -16.71 -5.02
N VAL A 4296 14.50 -16.26 -3.89
CA VAL A 4296 14.22 -14.94 -3.34
C VAL A 4296 15.45 -14.09 -3.52
N TRP A 4297 15.28 -12.91 -4.13
CA TRP A 4297 16.39 -12.05 -4.49
C TRP A 4297 16.27 -10.70 -3.79
N ARG A 4298 17.41 -10.08 -3.55
CA ARG A 4298 17.48 -8.86 -2.76
C ARG A 4298 18.32 -7.83 -3.50
N GLN A 4299 17.88 -6.57 -3.43
CA GLN A 4299 18.54 -5.49 -4.14
C GLN A 4299 18.20 -4.18 -3.46
N ASN A 4300 19.09 -3.20 -3.62
CA ASN A 4300 18.80 -1.84 -3.17
C ASN A 4300 17.51 -1.35 -3.81
N LYS A 4301 16.63 -0.78 -2.99
CA LYS A 4301 15.30 -0.40 -3.48
C LYS A 4301 15.32 0.86 -4.34
N PHE A 4302 16.45 1.55 -4.45
CA PHE A 4302 16.56 2.73 -5.28
C PHE A 4302 17.23 2.45 -6.63
N GLY A 4303 17.44 1.18 -6.97
CA GLY A 4303 17.94 0.81 -8.28
C GLY A 4303 19.44 0.74 -8.42
N LYS A 4304 20.20 1.15 -7.42
CA LYS A 4304 21.66 1.13 -7.52
C LYS A 4304 22.19 -0.24 -7.13
N GLU A 4305 23.52 -0.33 -7.02
CA GLU A 4305 24.20 -1.56 -6.60
C GLU A 4305 23.90 -2.72 -7.54
N ASN A 4306 24.12 -3.94 -7.06
CA ASN A 4306 23.89 -5.15 -7.83
C ASN A 4306 23.06 -6.13 -7.01
N LYS A 4307 22.37 -7.03 -7.72
CA LYS A 4307 21.43 -7.94 -7.09
C LYS A 4307 22.13 -8.90 -6.14
N GLU A 4308 21.40 -9.31 -5.10
CA GLU A 4308 21.88 -10.29 -4.13
C GLU A 4308 20.83 -11.39 -3.99
N LYS A 4309 21.30 -12.63 -3.93
CA LYS A 4309 20.41 -13.76 -3.69
C LYS A 4309 20.27 -14.02 -2.20
N VAL A 4310 19.13 -14.57 -1.80
CA VAL A 4310 18.82 -14.82 -0.40
C VAL A 4310 18.72 -16.32 -0.12
N LEU A 4311 17.80 -17.01 -0.78
CA LEU A 4311 17.61 -18.44 -0.56
C LEU A 4311 16.95 -19.05 -1.78
N VAL A 4312 17.04 -20.37 -1.86
CA VAL A 4312 16.44 -21.15 -2.94
C VAL A 4312 15.40 -22.08 -2.34
N VAL A 4313 14.20 -22.07 -2.91
CA VAL A 4313 13.07 -22.84 -2.43
C VAL A 4313 12.35 -23.45 -3.63
N ASN A 4314 11.28 -24.19 -3.34
CA ASN A 4314 10.57 -24.94 -4.37
C ASN A 4314 9.93 -24.00 -5.39
N PRO A 4315 9.65 -24.49 -6.60
CA PRO A 4315 8.86 -23.70 -7.56
C PRO A 4315 7.43 -23.48 -7.12
N TRP A 4316 6.98 -24.11 -6.04
CA TRP A 4316 5.67 -23.84 -5.46
C TRP A 4316 5.59 -22.49 -4.76
N LEU A 4317 6.71 -21.79 -4.61
CA LEU A 4317 6.70 -20.49 -3.95
C LEU A 4317 5.83 -19.51 -4.72
N THR A 4318 5.02 -18.74 -3.99
CA THR A 4318 4.08 -17.81 -4.60
C THR A 4318 4.23 -16.37 -4.15
N GLN A 4319 4.98 -16.08 -3.09
CA GLN A 4319 5.08 -14.72 -2.59
C GLN A 4319 6.19 -14.64 -1.56
N VAL A 4320 6.78 -13.45 -1.44
CA VAL A 4320 7.65 -13.09 -0.32
C VAL A 4320 7.00 -11.90 0.39
N ARG A 4321 6.88 -12.00 1.71
CA ARG A 4321 6.24 -10.94 2.49
C ARG A 4321 7.02 -10.76 3.78
N ILE A 4322 7.42 -9.53 4.06
CA ILE A 4322 8.21 -9.23 5.26
C ILE A 4322 7.28 -9.16 6.47
N PHE A 4323 7.61 -9.91 7.50
CA PHE A 4323 6.79 -9.99 8.71
C PHE A 4323 7.44 -9.10 9.77
N HIS A 4324 7.01 -7.83 9.81
CA HIS A 4324 7.56 -6.86 10.74
C HIS A 4324 6.51 -5.81 11.02
N GLN A 4325 6.66 -5.10 12.14
CA GLN A 4325 5.67 -4.12 12.54
C GLN A 4325 5.91 -2.75 11.92
N LEU A 4326 7.16 -2.39 11.64
CA LEU A 4326 7.42 -1.08 11.03
C LEU A 4326 6.94 -1.02 9.59
N ARG A 4327 6.71 -2.16 8.95
CA ARG A 4327 6.16 -2.16 7.61
C ARG A 4327 4.72 -1.65 7.57
N TYR A 4328 3.97 -1.85 8.64
CA TYR A 4328 2.59 -1.39 8.76
C TYR A 4328 2.52 -0.45 9.97
N ASN A 4329 2.51 0.85 9.73
CA ASN A 4329 2.50 1.83 10.81
C ASN A 4329 1.27 1.61 11.70
N GLN A 4330 1.50 1.16 12.93
CA GLN A 4330 0.41 0.78 13.80
C GLN A 4330 -0.25 1.96 14.51
N SER A 4331 0.38 3.13 14.46
CA SER A 4331 -0.17 4.32 15.12
C SER A 4331 -1.01 5.17 14.18
N VAL A 4332 -1.63 4.57 13.17
CA VAL A 4332 -2.54 5.27 12.28
C VAL A 4332 -3.94 5.09 12.85
N SER A 4333 -4.49 6.16 13.42
CA SER A 4333 -5.77 6.08 14.09
C SER A 4333 -6.91 5.93 13.06
N ASN A 4334 -7.88 5.10 13.42
CA ASN A 4334 -9.05 4.92 12.55
C ASN A 4334 -10.01 6.09 12.72
N PRO A 4335 -10.34 6.82 11.65
CA PRO A 4335 -11.23 7.99 11.79
C PRO A 4335 -12.66 7.63 12.14
N CYS A 4336 -13.05 6.36 12.06
CA CYS A 4336 -14.43 5.98 12.27
C CYS A 4336 -14.90 6.33 13.68
N LYS A 4337 -16.10 6.88 13.78
CA LYS A 4337 -16.69 7.30 15.04
C LYS A 4337 -17.72 6.30 15.56
N GLN A 4338 -17.66 5.05 15.08
CA GLN A 4338 -18.54 3.97 15.55
C GLN A 4338 -20.00 4.23 15.14
N VAL A 4339 -20.22 5.31 14.39
CA VAL A 4339 -21.55 5.65 13.92
C VAL A 4339 -22.09 4.61 12.95
N CYS A 4340 -21.24 4.09 12.06
CA CYS A 4340 -21.68 3.16 11.04
C CYS A 4340 -22.26 1.89 11.65
N SER A 4341 -23.29 1.36 11.00
CA SER A 4341 -24.00 0.20 11.54
C SER A 4341 -23.24 -1.10 11.28
N HIS A 4342 -22.86 -1.36 10.03
CA HIS A 4342 -22.21 -2.61 9.67
C HIS A 4342 -20.77 -2.42 9.26
N LEU A 4343 -20.48 -1.59 8.26
CA LEU A 4343 -19.13 -1.37 7.79
C LEU A 4343 -18.82 0.12 7.81
N CYS A 4344 -17.55 0.44 8.07
CA CYS A 4344 -17.07 1.82 8.07
C CYS A 4344 -15.79 1.86 7.22
N LEU A 4345 -15.97 2.01 5.92
CA LEU A 4345 -14.85 2.07 5.00
C LEU A 4345 -14.12 3.41 5.11
N LEU A 4346 -12.87 3.43 4.70
CA LEU A 4346 -12.05 4.63 4.76
C LEU A 4346 -12.11 5.40 3.45
N ARG A 4347 -11.68 6.65 3.51
CA ARG A 4347 -11.58 7.50 2.35
C ARG A 4347 -10.65 8.66 2.69
N PRO A 4348 -10.05 9.32 1.68
CA PRO A 4348 -9.11 10.41 1.98
C PRO A 4348 -9.67 11.48 2.90
N GLY A 4349 -9.11 11.57 4.10
CA GLY A 4349 -9.54 12.56 5.06
C GLY A 4349 -10.72 12.18 5.91
N GLY A 4350 -11.26 10.98 5.73
CA GLY A 4350 -12.42 10.59 6.51
C GLY A 4350 -12.84 9.14 6.36
N TYR A 4351 -14.15 8.89 6.43
CA TYR A 4351 -14.68 7.54 6.34
C TYR A 4351 -16.03 7.58 5.64
N SER A 4352 -16.69 6.43 5.59
CA SER A 4352 -17.98 6.32 4.95
C SER A 4352 -18.71 5.09 5.48
N CYS A 4353 -20.02 5.04 5.23
CA CYS A 4353 -20.87 3.96 5.69
C CYS A 4353 -21.26 3.06 4.52
N ALA A 4354 -21.42 1.77 4.82
CA ALA A 4354 -21.84 0.80 3.82
C ALA A 4354 -22.43 -0.41 4.52
N CYS A 4355 -23.18 -1.20 3.77
CA CYS A 4355 -23.83 -2.40 4.28
C CYS A 4355 -23.72 -3.52 3.25
N PRO A 4356 -23.90 -4.79 3.68
CA PRO A 4356 -23.61 -5.93 2.78
C PRO A 4356 -24.31 -5.90 1.44
N GLN A 4357 -23.83 -6.74 0.52
CA GLN A 4357 -24.42 -6.84 -0.79
C GLN A 4357 -25.84 -7.40 -0.69
N GLY A 4358 -26.70 -6.97 -1.61
CA GLY A 4358 -28.10 -7.30 -1.53
C GLY A 4358 -28.83 -6.65 -0.37
N SER A 4359 -28.47 -5.41 -0.05
CA SER A 4359 -29.15 -4.66 1.00
C SER A 4359 -28.95 -3.18 0.72
N ASP A 4360 -29.82 -2.36 1.32
CA ASP A 4360 -29.79 -0.93 1.09
C ASP A 4360 -30.07 -0.19 2.40
N PHE A 4361 -29.73 1.09 2.40
CA PHE A 4361 -29.93 1.92 3.57
C PHE A 4361 -31.42 2.06 3.90
N VAL A 4362 -31.71 2.22 5.19
CA VAL A 4362 -33.06 2.59 5.59
C VAL A 4362 -33.40 3.94 4.99
N THR A 4363 -34.60 4.06 4.44
CA THR A 4363 -34.97 5.25 3.67
C THR A 4363 -34.83 6.51 4.52
N GLY A 4364 -34.14 7.51 3.97
CA GLY A 4364 -33.89 8.76 4.64
C GLY A 4364 -32.58 8.83 5.40
N SER A 4365 -31.98 7.69 5.71
CA SER A 4365 -30.74 7.64 6.48
C SER A 4365 -29.60 7.08 5.63
N THR A 4366 -28.39 7.57 5.90
CA THR A 4366 -27.18 7.10 5.24
C THR A 4366 -26.26 6.35 6.18
N VAL A 4367 -26.81 5.83 7.28
CA VAL A 4367 -26.03 5.07 8.26
C VAL A 4367 -26.64 3.70 8.50
N GLN A 4368 -27.91 3.65 8.89
CA GLN A 4368 -28.58 2.39 9.17
C GLN A 4368 -28.93 1.67 7.88
N CYS A 4369 -28.79 0.34 7.90
CA CYS A 4369 -29.17 -0.51 6.78
C CYS A 4369 -30.06 -1.64 7.28
N ASP A 4370 -30.94 -2.11 6.39
CA ASP A 4370 -32.02 -3.01 6.80
C ASP A 4370 -31.52 -4.41 7.14
N ALA A 4371 -30.35 -4.80 6.65
CA ALA A 4371 -29.87 -6.16 6.90
C ALA A 4371 -29.59 -6.37 8.38
N ALA A 4372 -30.00 -7.52 8.89
CA ALA A 4372 -29.83 -7.82 10.31
C ALA A 4372 -28.37 -8.01 10.66
N SER A 4373 -27.97 -7.49 11.81
CA SER A 4373 -26.59 -7.59 12.25
C SER A 4373 -26.24 -9.02 12.65
N GLU A 4374 -24.95 -9.32 12.64
CA GLU A 4374 -24.43 -10.63 12.99
C GLU A 4374 -23.34 -10.49 14.03
N LEU A 4375 -23.31 -11.43 14.98
CA LEU A 4375 -22.33 -11.36 16.06
C LEU A 4375 -20.93 -11.66 15.52
N PRO A 4376 -19.91 -11.04 16.13
CA PRO A 4376 -18.53 -11.34 15.71
C PRO A 4376 -18.16 -12.79 16.02
N VAL A 4377 -17.26 -13.32 15.20
CA VAL A 4377 -16.87 -14.73 15.32
C VAL A 4377 -15.75 -14.85 16.35
N THR A 4378 -15.83 -15.92 17.15
CA THR A 4378 -14.85 -16.17 18.20
C THR A 4378 -13.75 -17.07 17.69
N MET A 4379 -12.51 -16.67 17.93
CA MET A 4379 -11.30 -17.42 17.60
C MET A 4379 -10.88 -18.31 18.76
N PRO A 4380 -10.54 -19.56 18.50
CA PRO A 4380 -10.12 -20.47 19.57
C PRO A 4380 -8.82 -20.01 20.19
N PRO A 4381 -8.58 -20.36 21.46
CA PRO A 4381 -7.36 -19.89 22.13
C PRO A 4381 -6.12 -20.45 21.46
N PRO A 4382 -5.04 -19.70 21.43
CA PRO A 4382 -3.81 -20.15 20.77
C PRO A 4382 -2.83 -20.80 21.75
N CYS A 4383 -1.81 -21.43 21.18
CA CYS A 4383 -0.71 -21.99 21.96
C CYS A 4383 0.37 -20.94 22.13
N ARG A 4384 0.85 -20.77 23.37
CA ARG A 4384 1.80 -19.70 23.69
C ARG A 4384 2.85 -20.24 24.66
N CYS A 4385 3.96 -20.75 24.10
CA CYS A 4385 5.11 -21.16 24.88
C CYS A 4385 6.33 -20.49 24.26
N MET A 4386 6.83 -19.43 24.89
CA MET A 4386 7.77 -18.53 24.24
C MET A 4386 9.19 -19.09 24.19
N HIS A 4387 9.81 -19.28 25.35
CA HIS A 4387 11.20 -19.71 25.39
C HIS A 4387 11.36 -21.21 25.22
N GLY A 4388 10.28 -21.96 25.26
CA GLY A 4388 10.35 -23.40 25.12
C GLY A 4388 9.08 -24.03 25.64
N GLY A 4389 9.08 -25.35 25.63
CA GLY A 4389 7.93 -26.12 26.08
C GLY A 4389 7.03 -26.54 24.94
N ASN A 4390 6.12 -27.45 25.25
CA ASN A 4390 5.21 -28.03 24.26
C ASN A 4390 3.78 -27.75 24.66
N CYS A 4391 2.96 -27.38 23.68
CA CYS A 4391 1.55 -27.14 23.92
C CYS A 4391 0.80 -28.46 24.11
N TYR A 4392 -0.34 -28.38 24.76
CA TYR A 4392 -1.11 -29.58 25.08
C TYR A 4392 -2.57 -29.19 25.28
N PHE A 4393 -3.46 -30.08 24.86
CA PHE A 4393 -4.90 -29.85 24.93
C PHE A 4393 -5.48 -30.61 26.10
N ASP A 4394 -6.15 -29.88 27.01
CA ASP A 4394 -6.74 -30.48 28.18
C ASP A 4394 -8.15 -30.98 27.85
N GLU A 4395 -8.93 -31.33 28.87
CA GLU A 4395 -10.23 -31.94 28.65
C GLU A 4395 -11.20 -30.97 27.97
N ASN A 4396 -11.08 -29.67 28.22
CA ASN A 4396 -11.82 -28.66 27.48
C ASN A 4396 -10.97 -28.02 26.38
N GLU A 4397 -9.84 -28.64 26.06
CA GLU A 4397 -8.97 -28.25 24.94
C GLU A 4397 -8.35 -26.87 25.11
N LEU A 4398 -8.25 -26.35 26.34
CA LEU A 4398 -7.45 -25.14 26.47
C LEU A 4398 -5.97 -25.47 26.34
N PRO A 4399 -5.20 -24.61 25.68
CA PRO A 4399 -3.75 -24.86 25.57
C PRO A 4399 -3.05 -24.70 26.90
N LYS A 4400 -1.99 -25.49 27.08
CA LYS A 4400 -1.17 -25.43 28.28
C LYS A 4400 0.23 -25.90 27.91
N CYS A 4401 1.23 -25.22 28.45
CA CYS A 4401 2.62 -25.48 28.10
C CYS A 4401 3.30 -26.28 29.21
N LYS A 4402 4.17 -27.21 28.82
CA LYS A 4402 5.04 -27.93 29.75
C LYS A 4402 6.38 -27.21 29.73
N CYS A 4403 6.60 -26.35 30.73
CA CYS A 4403 7.74 -25.45 30.71
C CYS A 4403 9.06 -26.22 30.70
N SER A 4404 10.04 -25.65 30.01
CA SER A 4404 11.36 -26.26 29.89
C SER A 4404 12.18 -25.97 31.14
N SER A 4405 13.43 -26.40 31.15
CA SER A 4405 14.29 -26.19 32.30
C SER A 4405 14.67 -24.73 32.44
N GLY A 4406 14.75 -24.26 33.68
CA GLY A 4406 15.16 -22.90 33.94
C GLY A 4406 14.13 -21.84 33.59
N TYR A 4407 12.87 -22.22 33.42
CA TYR A 4407 11.82 -21.27 33.10
C TYR A 4407 10.51 -21.75 33.71
N SER A 4408 9.68 -20.79 34.10
CA SER A 4408 8.42 -21.08 34.77
C SER A 4408 7.36 -20.10 34.30
N GLY A 4409 6.14 -20.29 34.81
CA GLY A 4409 5.02 -19.46 34.41
C GLY A 4409 4.00 -20.24 33.62
N GLU A 4410 2.80 -19.67 33.43
CA GLU A 4410 1.79 -20.36 32.64
C GLU A 4410 2.23 -20.52 31.20
N TYR A 4411 2.98 -19.55 30.67
CA TYR A 4411 3.46 -19.60 29.29
C TYR A 4411 4.99 -19.67 29.22
N CYS A 4412 5.65 -19.97 30.34
CA CYS A 4412 7.11 -20.12 30.39
C CYS A 4412 7.81 -18.84 29.93
N GLU A 4413 7.49 -17.73 30.61
CA GLU A 4413 8.04 -16.43 30.24
C GLU A 4413 9.29 -16.07 31.02
N VAL A 4414 9.25 -16.23 32.35
CA VAL A 4414 10.34 -15.81 33.22
C VAL A 4414 10.93 -17.03 33.92
N GLY A 4415 12.25 -17.08 33.99
CA GLY A 4415 12.94 -18.16 34.66
C GLY A 4415 14.42 -17.89 34.86
N GLU B 27 -35.22 19.57 10.77
CA GLU B 27 -34.30 20.23 11.69
C GLU B 27 -34.01 19.36 12.91
N CYS B 28 -32.93 19.70 13.62
CA CYS B 28 -32.54 19.02 14.85
C CYS B 28 -32.09 20.04 15.88
N GLY B 29 -31.49 19.55 16.96
CA GLY B 29 -31.15 20.38 18.09
C GLY B 29 -30.12 21.45 17.77
N SER B 30 -30.00 22.39 18.69
CA SER B 30 -29.09 23.52 18.49
C SER B 30 -27.63 23.09 18.55
N GLY B 31 -27.34 22.00 19.27
CA GLY B 31 -25.99 21.51 19.38
C GLY B 31 -25.53 20.61 18.26
N ASN B 32 -26.36 20.39 17.24
CA ASN B 32 -26.03 19.51 16.13
C ASN B 32 -25.85 20.35 14.86
N PHE B 33 -24.66 20.28 14.28
CA PHE B 33 -24.39 20.96 13.02
C PHE B 33 -24.93 20.14 11.87
N ARG B 34 -25.52 20.82 10.89
CA ARG B 34 -26.24 20.18 9.80
C ARG B 34 -25.40 20.20 8.53
N CYS B 35 -25.28 19.04 7.89
CA CYS B 35 -24.66 18.97 6.57
C CYS B 35 -25.72 19.16 5.49
N ASP B 36 -25.25 19.33 4.24
CA ASP B 36 -26.14 19.76 3.16
C ASP B 36 -27.24 18.75 2.88
N ASN B 37 -26.96 17.46 3.04
CA ASN B 37 -27.95 16.43 2.71
C ASN B 37 -29.07 16.33 3.72
N GLY B 38 -28.98 17.05 4.84
CA GLY B 38 -29.97 16.98 5.90
C GLY B 38 -29.55 16.18 7.10
N TYR B 39 -28.59 15.27 6.94
CA TYR B 39 -28.01 14.57 8.07
C TYR B 39 -27.20 15.56 8.91
N CYS B 40 -27.62 15.76 10.16
CA CYS B 40 -26.98 16.73 11.03
C CYS B 40 -26.17 16.00 12.10
N ILE B 41 -24.99 16.56 12.40
CA ILE B 41 -23.98 15.89 13.20
C ILE B 41 -23.63 16.79 14.38
N PRO B 42 -23.15 16.20 15.48
CA PRO B 42 -22.80 17.02 16.66
C PRO B 42 -21.73 18.04 16.32
N ALA B 43 -21.83 19.21 16.98
CA ALA B 43 -20.92 20.31 16.71
C ALA B 43 -19.47 19.97 17.05
N SER B 44 -19.24 19.05 17.99
CA SER B 44 -17.88 18.68 18.34
C SER B 44 -17.14 18.04 17.17
N TRP B 45 -17.86 17.42 16.24
CA TRP B 45 -17.23 16.80 15.08
C TRP B 45 -16.77 17.82 14.04
N ARG B 46 -17.18 19.08 14.16
CA ARG B 46 -16.75 20.09 13.21
C ARG B 46 -15.30 20.49 13.48
N CYS B 47 -14.53 20.70 12.41
CA CYS B 47 -13.12 21.06 12.49
C CYS B 47 -12.33 20.04 13.30
N ASP B 48 -12.73 18.76 13.24
CA ASP B 48 -12.05 17.70 13.97
C ASP B 48 -11.01 16.96 13.14
N GLY B 49 -10.78 17.38 11.89
CA GLY B 49 -9.78 16.76 11.04
C GLY B 49 -10.27 15.61 10.19
N THR B 50 -11.53 15.20 10.33
CA THR B 50 -12.07 14.08 9.58
C THR B 50 -13.35 14.50 8.86
N ARG B 51 -13.51 14.01 7.64
CA ARG B 51 -14.72 14.28 6.85
C ARG B 51 -15.84 13.42 7.41
N ASP B 52 -16.56 13.97 8.39
CA ASP B 52 -17.55 13.19 9.12
C ASP B 52 -18.76 12.85 8.26
N CYS B 53 -19.24 13.80 7.47
CA CYS B 53 -20.41 13.56 6.63
C CYS B 53 -20.03 13.55 5.15
N LEU B 54 -20.93 13.01 4.33
CA LEU B 54 -20.60 12.67 2.95
C LEU B 54 -20.20 13.90 2.15
N ASP B 55 -20.94 15.00 2.30
CA ASP B 55 -20.64 16.21 1.56
C ASP B 55 -19.41 16.95 2.09
N ASP B 56 -18.79 16.43 3.16
CA ASP B 56 -17.54 16.93 3.75
C ASP B 56 -17.58 18.44 4.04
N THR B 57 -18.78 19.00 4.14
CA THR B 57 -18.91 20.41 4.52
C THR B 57 -18.57 20.65 5.98
N ASP B 58 -18.52 19.59 6.80
CA ASP B 58 -18.18 19.74 8.21
C ASP B 58 -16.72 20.13 8.42
N GLU B 59 -15.89 20.07 7.38
CA GLU B 59 -14.50 20.49 7.48
C GLU B 59 -14.18 21.70 6.63
N ILE B 60 -15.08 22.12 5.75
CA ILE B 60 -14.86 23.33 4.96
C ILE B 60 -15.37 24.54 5.73
N GLY B 61 -14.83 25.71 5.39
CA GLY B 61 -15.17 26.92 6.11
C GLY B 61 -14.67 26.93 7.53
N CYS B 62 -13.44 26.45 7.74
CA CYS B 62 -12.82 26.40 9.05
C CYS B 62 -11.47 27.09 8.93
N PRO B 63 -11.13 27.98 9.86
CA PRO B 63 -9.86 28.71 9.75
C PRO B 63 -8.68 27.77 9.90
N PRO B 64 -7.72 27.82 8.98
CA PRO B 64 -6.52 26.98 9.12
C PRO B 64 -5.70 27.39 10.33
N ARG B 65 -4.96 26.41 10.86
CA ARG B 65 -4.13 26.67 12.04
C ARG B 65 -3.11 27.76 11.75
N SER B 66 -2.99 28.69 12.69
CA SER B 66 -2.11 29.85 12.53
C SER B 66 -0.81 29.63 13.29
N CYS B 67 0.16 30.50 13.00
CA CYS B 67 1.47 30.47 13.63
C CYS B 67 1.81 31.87 14.11
N GLU B 68 2.77 31.94 15.03
CA GLU B 68 3.14 33.22 15.62
C GLU B 68 3.72 34.17 14.57
N SER B 69 3.74 35.45 14.92
CA SER B 69 4.21 36.47 14.00
C SER B 69 5.69 36.28 13.70
N GLY B 70 6.10 36.69 12.49
CA GLY B 70 7.45 36.48 12.02
C GLY B 70 7.70 35.11 11.43
N LEU B 71 6.70 34.23 11.40
CA LEU B 71 6.84 32.90 10.84
C LEU B 71 5.61 32.55 10.03
N PHE B 72 5.80 31.63 9.08
CA PHE B 72 4.72 31.15 8.22
C PHE B 72 4.72 29.63 8.23
N LEU B 73 3.54 29.05 8.03
CA LEU B 73 3.37 27.60 8.06
C LEU B 73 2.98 27.13 6.66
N CYS B 74 3.76 26.19 6.13
CA CYS B 74 3.47 25.65 4.81
C CYS B 74 2.19 24.82 4.86
N PRO B 75 1.20 25.11 4.01
CA PRO B 75 -0.05 24.34 4.06
C PRO B 75 0.14 22.84 3.83
N ALA B 76 1.07 22.46 2.96
CA ALA B 76 1.28 21.06 2.64
C ALA B 76 2.11 20.32 3.68
N GLU B 77 2.78 21.03 4.58
CA GLU B 77 3.63 20.41 5.58
C GLU B 77 3.14 20.60 7.01
N GLY B 78 2.47 21.70 7.32
CA GLY B 78 2.05 21.95 8.68
C GLY B 78 3.17 22.34 9.61
N THR B 79 4.30 22.79 9.08
CA THR B 79 5.46 23.18 9.88
C THR B 79 5.74 24.66 9.65
N CYS B 80 5.96 25.39 10.73
CA CYS B 80 6.24 26.82 10.63
C CYS B 80 7.68 27.06 10.18
N ILE B 81 7.84 28.03 9.27
CA ILE B 81 9.17 28.46 8.85
C ILE B 81 9.25 29.97 9.03
N PRO B 82 10.43 30.56 9.21
CA PRO B 82 10.51 31.97 9.55
C PRO B 82 10.33 32.86 8.33
N SER B 83 10.14 34.16 8.62
CA SER B 83 9.93 35.13 7.54
C SER B 83 11.15 35.24 6.63
N SER B 84 12.32 34.85 7.12
CA SER B 84 13.52 34.87 6.28
C SER B 84 13.47 33.78 5.22
N TRP B 85 12.95 32.60 5.59
CA TRP B 85 12.94 31.47 4.66
C TRP B 85 11.93 31.68 3.54
N VAL B 86 10.84 32.39 3.82
CA VAL B 86 9.89 32.76 2.77
C VAL B 86 10.41 34.00 2.05
N CYS B 87 10.12 34.10 0.75
CA CYS B 87 10.63 35.18 -0.10
C CYS B 87 12.15 35.17 -0.16
N ASP B 88 12.73 33.98 -0.18
CA ASP B 88 14.17 33.80 -0.38
C ASP B 88 14.50 33.42 -1.82
N GLU B 89 13.53 33.54 -2.73
CA GLU B 89 13.73 33.29 -4.16
C GLU B 89 14.13 31.84 -4.44
N ASP B 90 13.76 30.92 -3.55
CA ASP B 90 13.99 29.50 -3.77
C ASP B 90 12.85 28.73 -3.13
N LYS B 91 12.93 27.40 -3.19
CA LYS B 91 11.82 26.53 -2.82
C LYS B 91 11.98 26.13 -1.36
N ASP B 92 11.38 26.88 -0.46
CA ASP B 92 11.51 26.57 0.96
C ASP B 92 10.43 25.61 1.44
N CYS B 93 9.18 25.90 1.15
CA CYS B 93 8.10 24.96 1.46
C CYS B 93 8.04 23.87 0.39
N SER B 94 7.43 22.73 0.76
CA SER B 94 7.36 21.61 -0.17
C SER B 94 6.56 21.99 -1.42
N ASP B 95 5.41 22.64 -1.24
CA ASP B 95 4.66 23.11 -2.39
C ASP B 95 5.37 24.25 -3.11
N GLY B 96 6.09 25.11 -2.37
CA GLY B 96 6.85 26.17 -2.99
C GLY B 96 6.03 27.31 -3.54
N ALA B 97 4.80 27.49 -3.07
CA ALA B 97 3.93 28.56 -3.54
C ALA B 97 4.21 29.88 -2.86
N ASP B 98 5.14 29.91 -1.89
CA ASP B 98 5.38 31.13 -1.12
C ASP B 98 5.86 32.27 -1.99
N GLU B 99 6.70 31.98 -2.99
CA GLU B 99 7.27 33.03 -3.82
C GLU B 99 6.22 33.73 -4.68
N GLN B 100 5.03 33.15 -4.83
CA GLN B 100 3.98 33.77 -5.63
C GLN B 100 2.64 33.91 -4.92
N GLN B 101 2.47 33.28 -3.75
CA GLN B 101 1.24 33.43 -2.97
C GLN B 101 1.43 34.20 -1.67
N ASN B 102 2.67 34.29 -1.17
CA ASN B 102 2.98 35.07 0.01
C ASN B 102 3.75 36.34 -0.34
N CYS B 103 4.73 36.24 -1.25
CA CYS B 103 5.55 37.38 -1.61
C CYS B 103 4.89 38.28 -2.63
N ALA B 104 3.82 37.83 -3.28
CA ALA B 104 3.13 38.64 -4.28
C ALA B 104 2.24 39.69 -3.61
N PRO B 3758 -10.73 -18.81 -27.47
CA PRO B 3758 -11.86 -18.49 -26.60
C PRO B 3758 -13.01 -17.80 -27.33
N ARG B 3759 -14.04 -18.55 -27.68
CA ARG B 3759 -15.16 -17.99 -28.42
C ARG B 3759 -16.00 -17.08 -27.54
N GLU B 3760 -16.57 -16.04 -28.16
CA GLU B 3760 -17.41 -15.10 -27.44
C GLU B 3760 -18.79 -15.69 -27.20
N CYS B 3761 -19.32 -15.47 -26.01
CA CYS B 3761 -20.63 -16.00 -25.64
C CYS B 3761 -21.73 -14.98 -25.94
N SER B 3762 -22.96 -15.47 -25.93
CA SER B 3762 -24.11 -14.61 -26.18
C SER B 3762 -24.46 -13.82 -24.92
N GLU B 3763 -25.40 -12.87 -25.08
CA GLU B 3763 -25.81 -12.03 -23.96
C GLU B 3763 -26.53 -12.85 -22.89
N SER B 3764 -27.24 -13.90 -23.28
CA SER B 3764 -27.98 -14.74 -22.35
C SER B 3764 -27.23 -16.00 -21.95
N GLU B 3765 -25.97 -16.13 -22.35
CA GLU B 3765 -25.18 -17.32 -22.05
C GLU B 3765 -24.36 -17.11 -20.79
N PHE B 3766 -24.43 -18.07 -19.87
CA PHE B 3766 -23.69 -17.98 -18.63
C PHE B 3766 -22.25 -18.42 -18.87
N ARG B 3767 -21.30 -17.65 -18.33
CA ARG B 3767 -19.89 -17.91 -18.48
C ARG B 3767 -19.38 -18.72 -17.30
N CYS B 3768 -18.89 -19.92 -17.57
CA CYS B 3768 -18.26 -20.73 -16.52
C CYS B 3768 -16.81 -20.28 -16.34
N ALA B 3769 -16.12 -20.87 -15.38
CA ALA B 3769 -14.73 -20.48 -15.11
C ALA B 3769 -13.83 -20.85 -16.28
N ASP B 3770 -14.15 -21.91 -17.00
CA ASP B 3770 -13.35 -22.39 -18.12
C ASP B 3770 -13.69 -21.69 -19.44
N GLN B 3771 -14.32 -20.50 -19.37
CA GLN B 3771 -14.60 -19.66 -20.53
C GLN B 3771 -15.72 -20.25 -21.38
N GLN B 3772 -16.15 -21.48 -21.04
CA GLN B 3772 -17.22 -22.12 -21.80
C GLN B 3772 -18.56 -21.46 -21.50
N CYS B 3773 -19.41 -21.37 -22.52
CA CYS B 3773 -20.70 -20.70 -22.42
C CYS B 3773 -21.80 -21.75 -22.31
N ILE B 3774 -22.74 -21.54 -21.39
CA ILE B 3774 -23.77 -22.52 -21.10
C ILE B 3774 -25.10 -21.80 -20.94
N PRO B 3775 -26.21 -22.50 -21.17
CA PRO B 3775 -27.53 -21.87 -21.00
C PRO B 3775 -27.77 -21.44 -19.55
N SER B 3776 -28.53 -20.35 -19.41
CA SER B 3776 -28.76 -19.74 -18.10
C SER B 3776 -29.63 -20.60 -17.18
N ARG B 3777 -30.26 -21.66 -17.69
CA ARG B 3777 -31.08 -22.53 -16.84
C ARG B 3777 -30.25 -23.31 -15.84
N TRP B 3778 -28.92 -23.31 -15.96
CA TRP B 3778 -28.05 -24.10 -15.11
C TRP B 3778 -27.62 -23.37 -13.84
N VAL B 3779 -28.13 -22.18 -13.58
CA VAL B 3779 -27.64 -21.35 -12.48
C VAL B 3779 -28.06 -21.97 -11.16
N CYS B 3780 -27.12 -22.62 -10.48
CA CYS B 3780 -27.29 -23.24 -9.17
C CYS B 3780 -28.62 -23.99 -9.03
N ASP B 3781 -28.76 -25.02 -9.86
CA ASP B 3781 -29.80 -26.02 -9.68
C ASP B 3781 -29.35 -27.14 -8.74
N GLN B 3782 -28.37 -26.86 -7.89
CA GLN B 3782 -27.79 -27.79 -6.92
C GLN B 3782 -27.15 -29.02 -7.57
N GLU B 3783 -26.76 -28.93 -8.83
CA GLU B 3783 -26.07 -30.02 -9.51
C GLU B 3783 -25.01 -29.38 -10.40
N ASN B 3784 -23.78 -29.87 -10.30
CA ASN B 3784 -22.63 -29.22 -10.93
C ASN B 3784 -22.72 -29.39 -12.44
N ASP B 3785 -23.05 -28.29 -13.13
CA ASP B 3785 -23.19 -28.28 -14.59
C ASP B 3785 -21.98 -27.72 -15.32
N CYS B 3786 -21.47 -26.56 -14.90
CA CYS B 3786 -20.34 -25.95 -15.61
C CYS B 3786 -19.04 -26.71 -15.37
N GLY B 3787 -19.05 -27.67 -14.45
CA GLY B 3787 -17.77 -28.12 -13.93
C GLY B 3787 -17.24 -27.15 -12.89
N ASP B 3788 -16.49 -27.70 -11.94
CA ASP B 3788 -15.95 -26.96 -10.79
C ASP B 3788 -17.03 -26.16 -10.05
N ASN B 3789 -18.30 -26.55 -10.25
CA ASN B 3789 -19.44 -25.92 -9.58
C ASN B 3789 -19.47 -24.41 -9.83
N SER B 3790 -19.14 -24.01 -11.05
CA SER B 3790 -19.16 -22.59 -11.39
C SER B 3790 -20.59 -22.06 -11.47
N ASP B 3791 -21.52 -22.89 -11.94
CA ASP B 3791 -22.91 -22.45 -12.07
C ASP B 3791 -23.56 -22.21 -10.71
N GLU B 3792 -23.06 -22.83 -9.65
CA GLU B 3792 -23.63 -22.69 -8.33
C GLU B 3792 -23.04 -21.53 -7.54
N ARG B 3793 -22.21 -20.71 -8.18
CA ARG B 3793 -21.49 -19.66 -7.48
C ARG B 3793 -22.43 -18.55 -7.04
N ASP B 3794 -22.33 -18.19 -5.76
CA ASP B 3794 -22.89 -16.98 -5.14
C ASP B 3794 -24.25 -16.55 -5.67
N CYS B 3795 -25.20 -17.47 -5.77
CA CYS B 3795 -26.58 -17.08 -6.12
C CYS B 3795 -27.39 -16.83 -4.84
N GLU B 3796 -26.80 -16.02 -3.98
CA GLU B 3796 -27.46 -15.50 -2.78
C GLU B 3796 -27.88 -14.05 -2.96
N MET B 3797 -27.00 -13.21 -3.52
CA MET B 3797 -27.36 -11.85 -3.86
C MET B 3797 -28.32 -11.76 -5.04
N LYS B 3798 -28.13 -12.59 -6.05
CA LYS B 3798 -29.05 -12.60 -7.18
C LYS B 3798 -30.38 -13.23 -6.78
N THR B 3799 -31.45 -12.82 -7.44
CA THR B 3799 -32.78 -13.34 -7.16
C THR B 3799 -33.20 -14.34 -8.23
N CYS B 3800 -33.96 -15.34 -7.81
CA CYS B 3800 -34.47 -16.31 -8.76
C CYS B 3800 -35.48 -15.67 -9.69
N HIS B 3801 -35.52 -16.17 -10.92
CA HIS B 3801 -36.43 -15.65 -11.93
C HIS B 3801 -37.87 -16.02 -11.56
N PRO B 3802 -38.86 -15.30 -12.12
CA PRO B 3802 -40.26 -15.56 -11.72
C PRO B 3802 -40.70 -17.00 -11.91
N GLU B 3803 -40.21 -17.68 -12.94
CA GLU B 3803 -40.57 -19.07 -13.16
C GLU B 3803 -39.95 -20.02 -12.14
N HIS B 3804 -39.01 -19.53 -11.32
CA HIS B 3804 -38.32 -20.36 -10.35
C HIS B 3804 -38.62 -19.88 -8.93
N PHE B 3805 -38.60 -20.82 -7.99
CA PHE B 3805 -38.81 -20.53 -6.58
C PHE B 3805 -37.46 -20.36 -5.88
N GLN B 3806 -37.38 -19.34 -5.03
CA GLN B 3806 -36.17 -19.03 -4.29
C GLN B 3806 -36.32 -19.47 -2.85
N CYS B 3807 -35.41 -20.31 -2.39
CA CYS B 3807 -35.42 -20.77 -1.01
C CYS B 3807 -34.26 -20.15 -0.23
N THR B 3808 -34.26 -20.38 1.09
CA THR B 3808 -33.44 -19.57 1.99
C THR B 3808 -31.95 -19.73 1.73
N SER B 3809 -31.54 -20.78 1.03
CA SER B 3809 -30.14 -20.90 0.65
C SER B 3809 -29.81 -20.10 -0.60
N GLY B 3810 -30.80 -19.52 -1.26
CA GLY B 3810 -30.60 -18.79 -2.49
C GLY B 3810 -30.61 -19.65 -3.73
N HIS B 3811 -30.66 -20.96 -3.59
CA HIS B 3811 -30.70 -21.83 -4.76
C HIS B 3811 -32.02 -21.67 -5.50
N CYS B 3812 -31.94 -21.79 -6.82
CA CYS B 3812 -33.08 -21.58 -7.70
C CYS B 3812 -33.67 -22.93 -8.10
N VAL B 3813 -34.96 -23.12 -7.80
CA VAL B 3813 -35.66 -24.36 -8.14
C VAL B 3813 -36.98 -23.97 -8.80
N PRO B 3814 -37.55 -24.82 -9.65
CA PRO B 3814 -38.84 -24.49 -10.27
C PRO B 3814 -39.92 -24.30 -9.22
N LYS B 3815 -40.86 -23.38 -9.53
CA LYS B 3815 -41.92 -23.06 -8.58
C LYS B 3815 -42.80 -24.26 -8.29
N ALA B 3816 -42.87 -25.22 -9.20
CA ALA B 3816 -43.65 -26.44 -8.95
C ALA B 3816 -42.99 -27.36 -7.93
N LEU B 3817 -41.75 -27.07 -7.55
CA LEU B 3817 -41.02 -27.89 -6.58
C LEU B 3817 -41.03 -27.28 -5.18
N ALA B 3818 -42.14 -26.64 -4.79
CA ALA B 3818 -42.28 -26.04 -3.47
C ALA B 3818 -43.56 -26.53 -2.83
N CYS B 3819 -43.48 -26.83 -1.52
CA CYS B 3819 -44.61 -27.29 -0.73
C CYS B 3819 -45.21 -28.56 -1.32
N ASP B 3820 -44.39 -29.61 -1.37
CA ASP B 3820 -44.79 -30.90 -1.90
C ASP B 3820 -44.44 -32.08 -1.00
N GLY B 3821 -43.81 -31.84 0.15
CA GLY B 3821 -43.44 -32.89 1.06
C GLY B 3821 -42.03 -33.41 0.91
N ARG B 3822 -41.33 -33.03 -0.16
CA ARG B 3822 -39.95 -33.43 -0.37
C ARG B 3822 -39.07 -32.20 -0.51
N ALA B 3823 -37.88 -32.27 0.09
CA ALA B 3823 -36.96 -31.13 0.14
C ALA B 3823 -36.19 -31.06 -1.18
N ASP B 3824 -36.78 -30.36 -2.15
CA ASP B 3824 -36.08 -30.10 -3.40
C ASP B 3824 -34.86 -29.23 -3.17
N CYS B 3825 -35.00 -28.19 -2.34
CA CYS B 3825 -33.83 -27.47 -1.84
C CYS B 3825 -33.11 -28.33 -0.81
N LEU B 3826 -31.78 -28.33 -0.86
CA LEU B 3826 -31.01 -29.08 0.11
C LEU B 3826 -31.10 -28.48 1.51
N ASP B 3827 -31.52 -27.23 1.64
CA ASP B 3827 -31.75 -26.60 2.93
C ASP B 3827 -33.16 -26.81 3.45
N ALA B 3828 -34.01 -27.50 2.69
CA ALA B 3828 -35.38 -27.83 3.09
C ALA B 3828 -36.24 -26.60 3.34
N SER B 3829 -35.90 -25.47 2.73
CA SER B 3829 -36.72 -24.26 2.88
C SER B 3829 -37.96 -24.28 2.00
N ASP B 3830 -38.00 -25.14 0.97
CA ASP B 3830 -39.18 -25.22 0.13
C ASP B 3830 -40.38 -25.77 0.88
N GLU B 3831 -40.17 -26.74 1.76
CA GLU B 3831 -41.24 -27.32 2.57
C GLU B 3831 -41.48 -26.55 3.85
N SER B 3832 -40.67 -25.53 4.14
CA SER B 3832 -40.84 -24.71 5.35
C SER B 3832 -41.71 -23.49 5.11
N ALA B 3833 -41.61 -22.86 3.93
CA ALA B 3833 -42.41 -21.68 3.60
C ALA B 3833 -43.76 -22.11 3.03
N CYS B 3834 -44.52 -22.83 3.84
CA CYS B 3834 -45.84 -23.34 3.48
C CYS B 3834 -46.84 -23.01 4.57
N PRO B 3835 -48.12 -22.83 4.22
CA PRO B 3835 -49.17 -22.56 5.19
C PRO B 3835 -49.34 -23.69 6.21
C1 NAG C . 15.87 -13.83 14.66
C2 NAG C . 15.11 -14.00 15.97
C3 NAG C . 15.51 -12.92 16.96
C4 NAG C . 17.01 -12.94 17.18
C5 NAG C . 17.72 -12.86 15.83
C6 NAG C . 19.23 -13.00 16.01
C7 NAG C . 13.00 -15.09 15.47
C8 NAG C . 11.51 -14.97 15.54
N2 NAG C . 13.68 -13.97 15.74
O3 NAG C . 14.84 -13.15 18.21
O4 NAG C . 17.39 -11.82 17.98
O5 NAG C . 17.27 -13.86 14.92
O6 NAG C . 19.88 -12.69 14.77
O7 NAG C . 13.55 -16.12 15.16
C1 NAG C . 17.84 -12.27 19.27
C2 NAG C . 18.07 -11.04 20.16
C3 NAG C . 18.40 -11.44 21.59
C4 NAG C . 17.33 -12.38 22.12
C5 NAG C . 17.19 -13.57 21.19
C6 NAG C . 16.13 -14.52 21.71
C7 NAG C . 18.88 -9.08 19.00
C8 NAG C . 19.92 -8.62 18.01
N2 NAG C . 19.14 -10.22 19.62
O3 NAG C . 18.47 -10.27 22.40
O4 NAG C . 17.68 -12.81 23.44
O5 NAG C . 16.87 -13.15 19.87
O6 NAG C . 16.37 -14.82 23.08
O7 NAG C . 17.87 -8.43 19.23
C1 NAG D . 2.66 6.66 11.88
C2 NAG D . 3.95 7.46 11.77
C3 NAG D . 4.02 8.57 12.80
C4 NAG D . 2.73 9.38 12.87
C5 NAG D . 1.51 8.48 12.88
C6 NAG D . 0.22 9.30 12.77
C7 NAG D . 5.70 6.00 10.93
C8 NAG D . 6.86 5.10 11.29
N2 NAG D . 5.10 6.59 11.95
O3 NAG D . 5.10 9.44 12.47
O4 NAG D . 2.74 10.13 14.10
O5 NAG D . 1.55 7.54 11.81
O6 NAG D . -0.89 8.42 12.91
O7 NAG D . 5.35 6.17 9.77
C1 NAG D . 2.94 11.53 13.85
C2 NAG D . 2.71 12.27 15.18
C3 NAG D . 3.06 13.75 15.10
C4 NAG D . 4.46 13.91 14.53
C5 NAG D . 4.59 13.17 13.21
C6 NAG D . 6.01 13.29 12.67
C7 NAG D . 0.96 11.14 16.41
C8 NAG D . -0.52 11.02 16.65
N2 NAG D . 1.33 12.11 15.59
O3 NAG D . 3.02 14.30 16.41
O4 NAG D . 4.72 15.31 14.33
O5 NAG D . 4.26 11.80 13.36
O6 NAG D . 6.52 14.60 12.95
O7 NAG D . 1.75 10.39 16.94
C1 BMA D . 1.95 15.26 16.53
C2 BMA D . 2.19 16.15 17.74
C3 BMA D . 1.11 17.21 17.88
C4 BMA D . 0.97 17.98 16.57
C5 BMA D . 0.72 17.00 15.43
C6 BMA D . 0.58 17.74 14.11
O2 BMA D . 3.46 16.79 17.61
O3 BMA D . 1.47 18.12 18.93
O4 BMA D . -0.11 18.90 16.66
O5 BMA D . 1.78 16.04 15.34
O6 BMA D . 0.10 16.83 13.11
C1 NAG E . 33.19 32.18 -3.56
C2 NAG E . 32.54 32.15 -2.17
C3 NAG E . 33.46 31.48 -1.15
C4 NAG E . 33.86 30.09 -1.66
C5 NAG E . 34.44 30.19 -3.07
C6 NAG E . 34.79 28.82 -3.61
C7 NAG E . 31.04 34.04 -2.04
C8 NAG E . 30.82 35.44 -1.52
N2 NAG E . 32.21 33.49 -1.74
O3 NAG E . 32.78 31.34 0.10
O4 NAG E . 34.82 29.52 -0.77
O5 NAG E . 33.52 30.84 -3.96
O6 NAG E . 35.46 28.96 -4.87
O7 NAG E . 30.20 33.46 -2.71
CA CA F . 33.53 29.72 -22.99
CA CA G . 19.70 22.53 -0.60
O5 A2G H . -32.94 -10.55 -9.86
C1 A2G H . -34.13 -11.17 -9.40
C2 A2G H . -35.08 -11.49 -10.56
N2 A2G H . -36.26 -12.20 -10.09
C3 A2G H . -34.34 -12.29 -11.62
O3 A2G H . -35.19 -12.49 -12.75
C4 A2G H . -33.05 -11.59 -12.03
O4 A2G H . -33.38 -10.34 -12.63
C5 A2G H . -32.20 -11.34 -10.79
C6 A2G H . -30.93 -10.60 -11.10
O6 A2G H . -31.20 -9.31 -11.65
C7 A2G H . -37.49 -11.72 -10.25
O7 A2G H . -37.71 -10.67 -10.84
C8 A2G H . -38.59 -12.53 -9.65
CA CA I . -15.43 16.57 10.92
CA CA J . 11.02 31.60 0.36
CA CA K . -26.00 -26.39 -12.05
CA CA L . -40.37 -29.08 -2.69
#